data_3DYS
#
_entry.id   3DYS
#
_cell.length_a   103.992
_cell.length_b   103.992
_cell.length_c   269.762
_cell.angle_alpha   90.00
_cell.angle_beta   90.00
_cell.angle_gamma   90.00
#
_symmetry.space_group_name_H-M   'P 41 21 2'
#
loop_
_entity.id
_entity.type
_entity.pdbx_description
1 polymer "High affinity cGMP-specific 3',5'-cyclic phosphodiesterase 9A"
2 non-polymer 'MANGANESE (II) ION'
3 non-polymer 'MAGNESIUM ION'
4 non-polymer "GUANOSINE-5'-MONOPHOSPHATE"
5 non-polymer 3-ISOBUTYL-1-METHYLXANTHINE
6 non-polymer 'FORMIC ACID'
7 water water
#
_entity_poly.entity_id   1
_entity_poly.type   'polypeptide(L)'
_entity_poly.pdbx_seq_one_letter_code
;GSHMTYPKYLLSPETIEALRKPTFDVWLWEPNEMLSCLEHMYHDLGLVRDFSINPVTLRRWLFCVHDNYRNNPFHNFRHC
FCVAQMMYSMVWLCSLQEKFSQTDILILMTAAICHDLDHPGYNNTYQINARTELAVRYNDISPLENHHCAVAFQILAEPE
CNIFSNIPPDGFKQIRQGMITLILATDMARHAEIMDSFKEKMENFDYSNEEHMTLLKMILIKCCDISNEVRPMEVAEPWV
DCLLEEYFMQSDREKSEGLPVAPFMDRDKVTKATAQIGFIKFVLIPMFETVTKLFPMVEEIMLQPLWESRDRYEELKRID
DAMKELQKK
;
_entity_poly.pdbx_strand_id   A,B
#
loop_
_chem_comp.id
_chem_comp.type
_chem_comp.name
_chem_comp.formula
5GP non-polymer GUANOSINE-5'-MONOPHOSPHATE 'C10 H14 N5 O8 P'
FMT non-polymer 'FORMIC ACID' 'C H2 O2'
IBM non-polymer 3-ISOBUTYL-1-METHYLXANTHINE 'C10 H14 N4 O2'
MG non-polymer 'MAGNESIUM ION' 'Mg 2'
MN non-polymer 'MANGANESE (II) ION' 'Mn 2'
#
# COMPACT_ATOMS: atom_id res chain seq x y z
N THR A 5 -13.59 14.03 -48.12
CA THR A 5 -14.07 13.84 -46.72
C THR A 5 -13.66 12.46 -46.19
N TYR A 6 -13.37 12.39 -44.90
CA TYR A 6 -12.91 11.14 -44.31
C TYR A 6 -13.59 10.88 -42.94
N PRO A 7 -14.02 9.63 -42.68
CA PRO A 7 -14.54 9.29 -41.36
C PRO A 7 -13.80 10.00 -40.22
N LYS A 8 -14.55 10.69 -39.37
CA LYS A 8 -13.99 11.45 -38.25
C LYS A 8 -12.74 10.81 -37.63
N TYR A 9 -12.78 9.49 -37.44
CA TYR A 9 -11.66 8.74 -36.83
C TYR A 9 -10.42 8.63 -37.73
N LEU A 10 -10.54 9.07 -38.98
CA LEU A 10 -9.37 9.40 -39.78
C LEU A 10 -9.00 10.83 -39.41
N LEU A 11 -7.89 10.95 -38.69
CA LEU A 11 -7.42 12.25 -38.23
C LEU A 11 -6.87 12.99 -39.42
N SER A 12 -7.12 14.28 -39.49
CA SER A 12 -6.57 15.10 -40.55
C SER A 12 -5.10 15.37 -40.23
N PRO A 13 -4.30 15.71 -41.25
CA PRO A 13 -2.92 16.21 -41.06
C PRO A 13 -2.84 17.40 -40.09
N GLU A 14 -3.82 18.29 -40.17
CA GLU A 14 -3.95 19.46 -39.29
C GLU A 14 -4.14 19.05 -37.81
N THR A 15 -5.01 18.07 -37.55
CA THR A 15 -5.22 17.57 -36.20
C THR A 15 -3.98 16.90 -35.62
N ILE A 16 -3.33 16.05 -36.41
CA ILE A 16 -2.08 15.37 -36.02
C ILE A 16 -0.99 16.36 -35.59
N GLU A 17 -0.81 17.41 -36.38
CA GLU A 17 0.11 18.49 -36.05
C GLU A 17 -0.30 19.23 -34.76
N ALA A 18 -1.58 19.60 -34.66
CA ALA A 18 -2.12 20.34 -33.50
C ALA A 18 -1.99 19.55 -32.20
N LEU A 19 -2.03 18.24 -32.33
CA LEU A 19 -1.91 17.30 -31.21
C LEU A 19 -0.59 17.38 -30.43
N ARG A 20 0.44 17.98 -31.04
CA ARG A 20 1.74 18.12 -30.41
C ARG A 20 1.87 19.28 -29.46
N LYS A 21 0.83 20.12 -29.40
CA LYS A 21 0.89 21.34 -28.66
C LYS A 21 -0.16 21.40 -27.56
N PRO A 22 0.16 22.12 -26.46
CA PRO A 22 -0.75 22.20 -25.32
C PRO A 22 -1.97 23.05 -25.59
N THR A 23 -2.03 23.71 -26.74
CA THR A 23 -3.19 24.46 -27.18
C THR A 23 -4.29 23.58 -27.81
N PHE A 24 -4.03 22.29 -27.98
CA PHE A 24 -4.99 21.38 -28.59
C PHE A 24 -6.36 21.46 -27.88
N ASP A 25 -7.43 21.57 -28.67
CA ASP A 25 -8.77 21.70 -28.13
C ASP A 25 -9.33 20.34 -27.83
N VAL A 26 -9.23 19.96 -26.55
CA VAL A 26 -9.69 18.67 -26.10
C VAL A 26 -11.21 18.46 -26.21
N TRP A 27 -11.98 19.53 -26.35
CA TRP A 27 -13.43 19.41 -26.38
C TRP A 27 -14.02 19.09 -27.76
N LEU A 28 -13.25 19.29 -28.83
CA LEU A 28 -13.78 19.14 -30.19
C LEU A 28 -14.16 17.71 -30.58
N TRP A 29 -13.57 16.73 -29.93
CA TRP A 29 -13.54 15.35 -30.40
C TRP A 29 -14.37 14.39 -29.59
N GLU A 30 -15.01 13.44 -30.27
CA GLU A 30 -15.73 12.35 -29.63
C GLU A 30 -14.71 11.27 -29.24
N PRO A 31 -15.13 10.31 -28.39
CA PRO A 31 -14.19 9.27 -27.89
C PRO A 31 -13.43 8.49 -28.97
N ASN A 32 -14.11 8.09 -30.05
CA ASN A 32 -13.46 7.38 -31.15
C ASN A 32 -12.30 8.18 -31.78
N GLU A 33 -12.46 9.49 -31.87
CA GLU A 33 -11.43 10.40 -32.39
C GLU A 33 -10.28 10.53 -31.38
N MET A 34 -10.63 10.64 -30.10
CA MET A 34 -9.62 10.66 -29.05
C MET A 34 -8.80 9.37 -29.01
N LEU A 35 -9.44 8.23 -29.23
CA LEU A 35 -8.71 6.97 -29.26
C LEU A 35 -7.70 6.92 -30.40
N SER A 36 -8.11 7.39 -31.58
CA SER A 36 -7.21 7.51 -32.71
C SER A 36 -6.00 8.41 -32.42
N CYS A 37 -6.23 9.49 -31.68
CA CYS A 37 -5.14 10.37 -31.29
C CYS A 37 -4.15 9.65 -30.42
N LEU A 38 -4.64 8.90 -29.44
CA LEU A 38 -3.77 8.17 -28.52
C LEU A 38 -2.97 7.10 -29.26
N GLU A 39 -3.66 6.40 -30.15
CA GLU A 39 -3.05 5.44 -31.07
C GLU A 39 -1.90 6.10 -31.85
N HIS A 40 -2.17 7.25 -32.45
CA HIS A 40 -1.16 7.95 -33.21
C HIS A 40 0.08 8.32 -32.35
N MET A 41 -0.13 8.65 -31.08
CA MET A 41 0.97 8.97 -30.19
C MET A 41 1.94 7.82 -30.01
N TYR A 42 1.41 6.61 -29.84
CA TYR A 42 2.25 5.42 -29.66
C TYR A 42 3.08 5.12 -30.89
N HIS A 43 2.47 5.28 -32.06
CA HIS A 43 3.21 5.09 -33.29
C HIS A 43 4.26 6.18 -33.47
N ASP A 44 3.84 7.44 -33.28
CA ASP A 44 4.70 8.60 -33.55
C ASP A 44 5.87 8.73 -32.55
N LEU A 45 5.66 8.29 -31.33
CA LEU A 45 6.74 8.21 -30.33
C LEU A 45 7.72 7.03 -30.54
N GLY A 46 7.44 6.16 -31.51
CA GLY A 46 8.29 5.03 -31.82
C GLY A 46 8.13 3.88 -30.85
N LEU A 47 7.08 3.92 -30.07
CA LEU A 47 6.82 2.87 -29.07
C LEU A 47 6.34 1.57 -29.71
N VAL A 48 5.54 1.67 -30.76
CA VAL A 48 5.09 0.48 -31.49
C VAL A 48 6.30 -0.21 -32.11
N ARG A 49 7.15 0.57 -32.76
CA ARG A 49 8.38 0.06 -33.35
C ARG A 49 9.28 -0.59 -32.29
N ASP A 50 9.56 0.10 -31.19
CA ASP A 50 10.62 -0.36 -30.29
C ASP A 50 10.19 -1.42 -29.28
N PHE A 51 8.89 -1.56 -29.05
CA PHE A 51 8.35 -2.59 -28.17
C PHE A 51 7.55 -3.66 -28.90
N SER A 52 7.62 -3.68 -30.23
CA SER A 52 6.90 -4.62 -31.08
C SER A 52 5.44 -4.77 -30.66
N ILE A 53 4.79 -3.63 -30.41
CA ILE A 53 3.40 -3.64 -30.05
C ILE A 53 2.61 -4.02 -31.31
N ASN A 54 1.77 -5.04 -31.20
CA ASN A 54 0.81 -5.39 -32.23
C ASN A 54 -0.14 -4.21 -32.42
N PRO A 55 -0.13 -3.61 -33.61
CA PRO A 55 -0.99 -2.46 -33.85
C PRO A 55 -2.50 -2.68 -33.55
N VAL A 56 -3.02 -3.90 -33.74
CA VAL A 56 -4.43 -4.19 -33.44
C VAL A 56 -4.66 -4.31 -31.95
N THR A 57 -3.72 -4.94 -31.24
CA THR A 57 -3.76 -4.98 -29.80
C THR A 57 -3.73 -3.56 -29.19
N LEU A 58 -2.92 -2.66 -29.74
CA LEU A 58 -2.90 -1.26 -29.30
C LEU A 58 -4.30 -0.67 -29.32
N ARG A 59 -5.02 -0.85 -30.42
CA ARG A 59 -6.37 -0.35 -30.53
C ARG A 59 -7.36 -1.02 -29.56
N ARG A 60 -7.27 -2.33 -29.46
CA ARG A 60 -8.12 -3.10 -28.56
C ARG A 60 -7.87 -2.66 -27.12
N TRP A 61 -6.59 -2.54 -26.76
CA TRP A 61 -6.21 -2.03 -25.44
C TRP A 61 -6.79 -0.62 -25.14
N LEU A 62 -6.65 0.33 -26.08
CA LEU A 62 -7.22 1.69 -25.89
C LEU A 62 -8.75 1.70 -25.74
N PHE A 63 -9.42 0.87 -26.54
CA PHE A 63 -10.86 0.69 -26.40
C PHE A 63 -11.25 0.14 -25.03
N CYS A 64 -10.45 -0.77 -24.51
CA CYS A 64 -10.73 -1.39 -23.23
C CYS A 64 -10.47 -0.43 -22.05
N VAL A 65 -9.40 0.37 -22.17
CA VAL A 65 -9.14 1.46 -21.26
C VAL A 65 -10.33 2.41 -21.23
N HIS A 66 -10.78 2.83 -22.41
CA HIS A 66 -11.96 3.70 -22.52
C HIS A 66 -13.19 3.12 -21.80
N ASP A 67 -13.38 1.82 -21.98
CA ASP A 67 -14.50 1.12 -21.37
C ASP A 67 -14.43 1.11 -19.85
N ASN A 68 -13.24 1.26 -19.30
CA ASN A 68 -13.04 1.18 -17.87
C ASN A 68 -12.89 2.52 -17.20
N TYR A 69 -13.09 3.60 -17.95
CA TYR A 69 -13.27 4.91 -17.34
C TYR A 69 -14.76 5.10 -17.15
N ARG A 70 -15.17 5.67 -16.02
CA ARG A 70 -16.59 5.96 -15.80
C ARG A 70 -17.02 7.34 -16.35
N ASN A 71 -18.32 7.51 -16.50
CA ASN A 71 -18.88 8.78 -16.96
C ASN A 71 -19.06 9.74 -15.81
N ASN A 72 -17.96 10.15 -15.21
CA ASN A 72 -17.95 11.16 -14.18
C ASN A 72 -17.87 12.50 -14.89
N PRO A 73 -18.27 13.58 -14.19
CA PRO A 73 -18.16 14.90 -14.80
C PRO A 73 -16.70 15.27 -15.14
N PHE A 74 -15.75 14.88 -14.27
CA PHE A 74 -14.35 15.23 -14.42
C PHE A 74 -13.46 14.00 -14.68
N HIS A 75 -13.53 13.00 -13.79
CA HIS A 75 -12.58 11.88 -13.83
C HIS A 75 -13.10 10.81 -14.78
N ASN A 76 -12.96 11.15 -16.06
CA ASN A 76 -13.54 10.39 -17.15
C ASN A 76 -12.46 10.15 -18.22
N PHE A 77 -12.86 9.55 -19.33
CA PHE A 77 -11.95 9.27 -20.42
C PHE A 77 -11.36 10.53 -21.06
N ARG A 78 -12.14 11.60 -21.14
CA ARG A 78 -11.62 12.82 -21.74
C ARG A 78 -10.49 13.42 -20.87
N HIS A 79 -10.59 13.26 -19.55
CA HIS A 79 -9.51 13.63 -18.66
C HIS A 79 -8.25 12.79 -18.91
N CYS A 80 -8.37 11.48 -19.05
CA CYS A 80 -7.14 10.71 -19.27
C CYS A 80 -6.53 11.10 -20.64
N PHE A 81 -7.39 11.41 -21.61
CA PHE A 81 -6.90 11.93 -22.88
C PHE A 81 -6.09 13.23 -22.71
N CYS A 82 -6.59 14.17 -21.91
CA CYS A 82 -5.90 15.42 -21.63
C CYS A 82 -4.55 15.23 -21.02
N VAL A 83 -4.49 14.31 -20.07
CA VAL A 83 -3.27 14.06 -19.33
C VAL A 83 -2.25 13.44 -20.29
N ALA A 84 -2.69 12.47 -21.09
CA ALA A 84 -1.80 11.83 -22.08
C ALA A 84 -1.38 12.79 -23.18
N GLN A 85 -2.29 13.65 -23.61
CA GLN A 85 -1.98 14.62 -24.66
C GLN A 85 -1.02 15.69 -24.16
N MET A 86 -1.13 16.08 -22.90
CA MET A 86 -0.18 17.03 -22.34
C MET A 86 1.19 16.38 -22.20
N MET A 87 1.22 15.11 -21.82
CA MET A 87 2.48 14.38 -21.72
C MET A 87 3.19 14.32 -23.07
N TYR A 88 2.43 14.01 -24.10
CA TYR A 88 2.92 13.99 -25.47
C TYR A 88 3.45 15.38 -25.88
N SER A 89 2.75 16.42 -25.47
CA SER A 89 3.17 17.78 -25.75
C SER A 89 4.49 18.09 -25.07
N MET A 90 4.65 17.62 -23.85
CA MET A 90 5.84 17.90 -23.09
C MET A 90 7.06 17.14 -23.60
N VAL A 91 6.83 15.96 -24.18
CA VAL A 91 7.90 15.24 -24.85
C VAL A 91 8.51 16.09 -25.95
N TRP A 92 7.66 16.74 -26.75
CA TRP A 92 8.16 17.60 -27.84
C TRP A 92 8.67 18.92 -27.29
N LEU A 93 7.94 19.52 -26.37
CA LEU A 93 8.37 20.78 -25.84
C LEU A 93 9.73 20.67 -25.15
N CYS A 94 9.89 19.65 -24.31
CA CYS A 94 11.09 19.51 -23.49
C CYS A 94 12.15 18.61 -24.10
N SER A 95 11.92 18.10 -25.32
CA SER A 95 12.88 17.21 -25.99
C SER A 95 13.21 16.02 -25.11
N LEU A 96 12.18 15.42 -24.54
CA LEU A 96 12.36 14.36 -23.57
C LEU A 96 13.06 13.10 -24.10
N GLN A 97 12.98 12.85 -25.41
CA GLN A 97 13.64 11.70 -26.04
C GLN A 97 15.16 11.81 -26.08
N GLU A 98 15.70 13.01 -25.86
CA GLU A 98 17.15 13.17 -25.65
C GLU A 98 17.57 12.71 -24.26
N LYS A 99 16.69 12.84 -23.28
CA LYS A 99 16.99 12.60 -21.87
C LYS A 99 16.54 11.20 -21.41
N PHE A 100 15.41 10.73 -21.93
CA PHE A 100 14.79 9.51 -21.45
C PHE A 100 14.92 8.38 -22.46
N SER A 101 15.10 7.17 -21.96
CA SER A 101 14.98 5.99 -22.79
C SER A 101 13.54 5.82 -23.33
N GLN A 102 13.42 4.93 -24.31
CA GLN A 102 12.12 4.61 -24.86
C GLN A 102 11.27 3.90 -23.84
N THR A 103 11.90 3.16 -22.91
CA THR A 103 11.14 2.52 -21.84
C THR A 103 10.53 3.57 -20.90
N ASP A 104 11.29 4.61 -20.59
CA ASP A 104 10.75 5.70 -19.76
C ASP A 104 9.58 6.45 -20.41
N ILE A 105 9.70 6.72 -21.71
CA ILE A 105 8.61 7.33 -22.46
C ILE A 105 7.38 6.41 -22.45
N LEU A 106 7.58 5.11 -22.65
CA LEU A 106 6.48 4.13 -22.57
C LEU A 106 5.78 4.16 -21.21
N ILE A 107 6.56 4.13 -20.13
CA ILE A 107 6.04 4.27 -18.78
C ILE A 107 5.25 5.59 -18.59
N LEU A 108 5.82 6.72 -19.03
CA LEU A 108 5.15 8.01 -18.85
C LEU A 108 3.81 8.04 -19.55
N MET A 109 3.76 7.57 -20.80
CA MET A 109 2.53 7.61 -21.59
C MET A 109 1.47 6.63 -21.10
N THR A 110 1.87 5.38 -20.83
CA THR A 110 0.93 4.37 -20.44
C THR A 110 0.35 4.68 -19.06
N ALA A 111 1.21 5.13 -18.16
CA ALA A 111 0.75 5.60 -16.84
C ALA A 111 -0.21 6.82 -16.96
N ALA A 112 0.09 7.75 -17.87
CA ALA A 112 -0.80 8.90 -18.07
C ALA A 112 -2.22 8.46 -18.44
N ILE A 113 -2.30 7.54 -19.39
CA ILE A 113 -3.55 7.00 -19.87
C ILE A 113 -4.30 6.25 -18.78
N CYS A 114 -3.56 5.47 -18.00
CA CYS A 114 -4.18 4.58 -17.01
C CYS A 114 -4.47 5.20 -15.64
N HIS A 115 -3.98 6.40 -15.37
CA HIS A 115 -3.82 6.91 -14.00
C HIS A 115 -5.10 7.14 -13.19
N ASP A 116 -6.26 7.26 -13.84
CA ASP A 116 -7.52 7.45 -13.14
C ASP A 116 -8.56 6.39 -13.48
N LEU A 117 -8.11 5.21 -13.90
CA LEU A 117 -9.00 4.12 -14.30
C LEU A 117 -10.06 3.74 -13.25
N ASP A 118 -11.33 3.68 -13.70
CA ASP A 118 -12.46 3.26 -12.86
C ASP A 118 -12.63 4.17 -11.65
N HIS A 119 -12.35 5.46 -11.81
CA HIS A 119 -12.51 6.42 -10.74
C HIS A 119 -14.00 6.55 -10.45
N PRO A 120 -14.42 6.40 -9.18
CA PRO A 120 -15.83 6.51 -8.80
C PRO A 120 -16.39 7.94 -8.73
N GLY A 121 -15.53 8.96 -8.77
CA GLY A 121 -16.00 10.37 -8.69
C GLY A 121 -16.11 10.89 -7.27
N TYR A 122 -15.56 10.14 -6.30
CA TYR A 122 -15.44 10.59 -4.91
C TYR A 122 -14.03 10.33 -4.46
N ASN A 123 -13.43 11.31 -3.78
CA ASN A 123 -11.99 11.24 -3.49
C ASN A 123 -11.61 10.30 -2.33
N ASN A 124 -10.30 10.24 -2.04
CA ASN A 124 -9.75 9.31 -1.04
C ASN A 124 -10.28 9.61 0.35
N THR A 125 -10.47 10.90 0.64
CA THR A 125 -11.05 11.31 1.91
C THR A 125 -12.46 10.72 2.03
N TYR A 126 -13.28 10.83 0.99
CA TYR A 126 -14.57 10.14 1.01
C TYR A 126 -14.45 8.63 1.26
N GLN A 127 -13.61 7.94 0.48
CA GLN A 127 -13.39 6.51 0.64
C GLN A 127 -13.03 6.14 2.08
N ILE A 128 -12.06 6.89 2.64
CA ILE A 128 -11.56 6.62 3.99
C ILE A 128 -12.63 6.91 5.05
N ASN A 129 -13.25 8.09 4.98
CA ASN A 129 -14.28 8.49 5.97
C ASN A 129 -15.54 7.62 5.92
N ALA A 130 -15.95 7.21 4.72
CA ALA A 130 -17.15 6.36 4.54
C ALA A 130 -16.82 4.88 4.69
N ARG A 131 -15.53 4.56 4.89
CA ARG A 131 -15.06 3.19 5.07
C ARG A 131 -15.52 2.30 3.94
N THR A 132 -15.31 2.77 2.73
CA THR A 132 -15.76 2.04 1.54
C THR A 132 -14.95 0.77 1.35
N GLU A 133 -15.40 -0.07 0.42
CA GLU A 133 -14.73 -1.32 0.14
C GLU A 133 -13.31 -1.11 -0.40
N LEU A 134 -13.13 -0.02 -1.13
CA LEU A 134 -11.81 0.40 -1.60
C LEU A 134 -10.88 0.81 -0.46
N ALA A 135 -11.36 1.63 0.48
CA ALA A 135 -10.58 2.03 1.64
C ALA A 135 -10.17 0.80 2.47
N VAL A 136 -11.11 -0.13 2.65
CA VAL A 136 -10.87 -1.34 3.43
C VAL A 136 -9.84 -2.22 2.71
N ARG A 137 -10.00 -2.38 1.40
CA ARG A 137 -9.10 -3.19 0.59
C ARG A 137 -7.65 -2.70 0.67
N TYR A 138 -7.47 -1.39 0.60
CA TYR A 138 -6.15 -0.79 0.52
C TYR A 138 -5.65 -0.16 1.80
N ASN A 139 -6.34 -0.45 2.90
CA ASN A 139 -5.91 -0.05 4.21
C ASN A 139 -5.67 1.46 4.35
N ASP A 140 -6.53 2.26 3.71
CA ASP A 140 -6.41 3.72 3.73
C ASP A 140 -5.14 4.25 3.04
N ILE A 141 -4.42 3.41 2.30
CA ILE A 141 -3.20 3.88 1.61
C ILE A 141 -3.55 4.15 0.17
N SER A 142 -3.64 5.43 -0.19
CA SER A 142 -3.98 5.90 -1.56
C SER A 142 -4.94 4.93 -2.25
N PRO A 143 -6.14 4.74 -1.67
CA PRO A 143 -7.01 3.70 -2.18
C PRO A 143 -7.34 3.83 -3.66
N LEU A 144 -7.61 5.05 -4.10
CA LEU A 144 -7.98 5.27 -5.50
C LEU A 144 -6.86 4.93 -6.43
N GLU A 145 -5.68 5.44 -6.11
CA GLU A 145 -4.54 5.25 -6.99
C GLU A 145 -4.08 3.79 -7.03
N ASN A 146 -4.10 3.11 -5.89
CA ASN A 146 -3.89 1.66 -5.91
C ASN A 146 -4.89 0.92 -6.81
N HIS A 147 -6.15 1.34 -6.77
CA HIS A 147 -7.20 0.77 -7.61
C HIS A 147 -6.99 1.04 -9.10
N HIS A 148 -6.66 2.29 -9.46
CA HIS A 148 -6.46 2.65 -10.88
C HIS A 148 -5.40 1.73 -11.47
N CYS A 149 -4.39 1.53 -10.66
CA CYS A 149 -3.23 0.74 -10.98
C CYS A 149 -3.54 -0.76 -11.17
N ALA A 150 -4.26 -1.31 -10.21
CA ALA A 150 -4.71 -2.69 -10.29
C ALA A 150 -5.55 -2.91 -11.55
N VAL A 151 -6.45 -1.99 -11.84
CA VAL A 151 -7.30 -2.12 -13.00
C VAL A 151 -6.44 -2.10 -14.27
N ALA A 152 -5.42 -1.23 -14.31
CA ALA A 152 -4.52 -1.12 -15.45
C ALA A 152 -3.92 -2.49 -15.80
N PHE A 153 -3.50 -3.20 -14.77
CA PHE A 153 -2.81 -4.46 -14.98
C PHE A 153 -3.75 -5.63 -15.13
N GLN A 154 -4.97 -5.49 -14.62
CA GLN A 154 -6.05 -6.42 -14.97
C GLN A 154 -6.40 -6.36 -16.46
N ILE A 155 -6.47 -5.16 -17.02
CA ILE A 155 -6.69 -4.98 -18.44
C ILE A 155 -5.52 -5.59 -19.27
N LEU A 156 -4.29 -5.25 -18.90
CA LEU A 156 -3.12 -5.74 -19.60
C LEU A 156 -2.95 -7.26 -19.49
N ALA A 157 -3.58 -7.90 -18.49
CA ALA A 157 -3.44 -9.34 -18.32
C ALA A 157 -4.36 -10.13 -19.27
N GLU A 158 -5.37 -9.47 -19.85
CA GLU A 158 -6.16 -10.07 -20.93
C GLU A 158 -5.34 -10.03 -22.22
N PRO A 159 -5.01 -11.21 -22.79
CA PRO A 159 -4.13 -11.31 -23.97
C PRO A 159 -4.45 -10.41 -25.16
N GLU A 160 -5.73 -10.22 -25.47
CA GLU A 160 -6.09 -9.38 -26.61
C GLU A 160 -5.86 -7.91 -26.33
N CYS A 161 -5.67 -7.55 -25.06
CA CYS A 161 -5.34 -6.19 -24.66
C CYS A 161 -3.89 -5.98 -24.22
N ASN A 162 -3.07 -7.01 -24.31
CA ASN A 162 -1.74 -6.92 -23.76
C ASN A 162 -0.72 -6.31 -24.72
N ILE A 163 -0.63 -4.98 -24.68
CA ILE A 163 0.31 -4.26 -25.56
C ILE A 163 1.77 -4.61 -25.26
N PHE A 164 2.03 -5.19 -24.08
CA PHE A 164 3.37 -5.63 -23.69
C PHE A 164 3.69 -7.10 -23.98
N SER A 165 2.82 -7.78 -24.73
CA SER A 165 2.98 -9.20 -24.98
C SER A 165 4.32 -9.56 -25.63
N ASN A 166 4.93 -8.63 -26.38
CA ASN A 166 6.19 -8.93 -27.06
C ASN A 166 7.41 -8.31 -26.38
N ILE A 167 7.25 -7.88 -25.14
CA ILE A 167 8.38 -7.38 -24.35
C ILE A 167 8.86 -8.54 -23.48
N PRO A 168 10.19 -8.77 -23.40
CA PRO A 168 10.62 -9.81 -22.45
C PRO A 168 10.18 -9.55 -21.00
N PRO A 169 10.12 -10.60 -20.17
CA PRO A 169 9.72 -10.52 -18.76
C PRO A 169 10.45 -9.45 -17.93
N ASP A 170 11.76 -9.32 -18.08
CA ASP A 170 12.50 -8.29 -17.35
C ASP A 170 12.07 -6.87 -17.73
N GLY A 171 11.81 -6.68 -19.03
CA GLY A 171 11.28 -5.42 -19.54
C GLY A 171 9.92 -5.14 -18.95
N PHE A 172 9.04 -6.15 -18.97
CA PHE A 172 7.72 -6.04 -18.35
C PHE A 172 7.82 -5.61 -16.87
N LYS A 173 8.67 -6.29 -16.10
CA LYS A 173 8.84 -5.99 -14.69
C LYS A 173 9.31 -4.56 -14.46
N GLN A 174 10.23 -4.10 -15.30
CA GLN A 174 10.75 -2.74 -15.23
C GLN A 174 9.65 -1.70 -15.53
N ILE A 175 8.85 -1.97 -16.55
CA ILE A 175 7.74 -1.10 -16.94
C ILE A 175 6.65 -1.10 -15.87
N ARG A 176 6.32 -2.28 -15.36
CA ARG A 176 5.31 -2.43 -14.33
C ARG A 176 5.65 -1.59 -13.09
N GLN A 177 6.88 -1.73 -12.61
CA GLN A 177 7.34 -0.97 -11.43
C GLN A 177 7.27 0.53 -11.65
N GLY A 178 7.75 0.99 -12.82
CA GLY A 178 7.67 2.39 -13.21
C GLY A 178 6.24 2.93 -13.23
N MET A 179 5.34 2.18 -13.87
CA MET A 179 3.94 2.60 -13.95
C MET A 179 3.28 2.72 -12.58
N ILE A 180 3.53 1.74 -11.72
CA ILE A 180 3.00 1.78 -10.34
C ILE A 180 3.49 3.03 -9.60
N THR A 181 4.79 3.27 -9.65
CA THR A 181 5.37 4.43 -8.98
C THR A 181 4.68 5.73 -9.44
N LEU A 182 4.50 5.85 -10.75
CA LEU A 182 3.93 7.08 -11.34
C LEU A 182 2.46 7.27 -11.02
N ILE A 183 1.66 6.22 -11.16
CA ILE A 183 0.23 6.33 -10.86
C ILE A 183 0.05 6.58 -9.37
N LEU A 184 0.82 5.91 -8.52
CA LEU A 184 0.74 6.18 -7.08
C LEU A 184 1.11 7.62 -6.78
N ALA A 185 2.04 8.18 -7.56
CA ALA A 185 2.53 9.55 -7.35
C ALA A 185 1.47 10.61 -7.69
N THR A 186 0.36 10.21 -8.31
CA THR A 186 -0.69 11.15 -8.68
C THR A 186 -1.63 11.47 -7.50
N ASP A 187 -1.46 10.77 -6.38
CA ASP A 187 -2.20 11.14 -5.16
C ASP A 187 -1.74 12.50 -4.63
N MET A 188 -2.60 13.51 -4.76
CA MET A 188 -2.28 14.89 -4.33
C MET A 188 -1.98 15.07 -2.85
N ALA A 189 -2.37 14.12 -2.00
CA ALA A 189 -2.00 14.19 -0.58
C ALA A 189 -0.49 14.09 -0.40
N ARG A 190 0.17 13.55 -1.41
CA ARG A 190 1.65 13.41 -1.41
C ARG A 190 2.38 14.56 -2.10
N HIS A 191 1.66 15.59 -2.51
CA HIS A 191 2.22 16.65 -3.34
C HIS A 191 3.41 17.37 -2.71
N ALA A 192 3.29 17.85 -1.48
CA ALA A 192 4.39 18.54 -0.82
C ALA A 192 5.60 17.62 -0.56
N GLU A 193 5.35 16.35 -0.22
CA GLU A 193 6.42 15.34 -0.02
C GLU A 193 7.21 15.11 -1.31
N ILE A 194 6.50 14.98 -2.42
CA ILE A 194 7.16 14.74 -3.71
C ILE A 194 7.91 16.00 -4.19
N MET A 195 7.27 17.16 -4.04
CA MET A 195 7.93 18.43 -4.37
C MET A 195 9.20 18.65 -3.54
N ASP A 196 9.14 18.36 -2.25
CA ASP A 196 10.32 18.49 -1.39
C ASP A 196 11.43 17.54 -1.83
N SER A 197 11.08 16.31 -2.19
CA SER A 197 12.09 15.37 -2.66
C SER A 197 12.71 15.86 -3.97
N PHE A 198 11.87 16.28 -4.92
CA PHE A 198 12.38 16.78 -6.18
C PHE A 198 13.33 17.97 -6.01
N LYS A 199 12.91 19.00 -5.30
CA LYS A 199 13.73 20.20 -5.05
C LYS A 199 15.08 19.84 -4.42
N GLU A 200 15.05 18.84 -3.55
CA GLU A 200 16.24 18.30 -2.93
C GLU A 200 17.21 17.72 -3.97
N LYS A 201 16.67 17.00 -4.94
CA LYS A 201 17.47 16.51 -6.07
C LYS A 201 17.89 17.68 -6.99
N MET A 202 17.01 18.66 -7.12
CA MET A 202 17.26 19.84 -7.97
C MET A 202 18.41 20.72 -7.49
N GLU A 203 18.88 20.49 -6.25
CA GLU A 203 20.11 21.13 -5.76
C GLU A 203 21.35 20.82 -6.62
N ASN A 204 21.32 19.67 -7.30
CA ASN A 204 22.44 19.21 -8.14
C ASN A 204 21.92 18.06 -8.99
N PHE A 205 21.12 18.39 -10.01
CA PHE A 205 20.42 17.37 -10.78
C PHE A 205 21.30 16.59 -11.76
N ASP A 206 21.09 15.28 -11.80
CA ASP A 206 21.93 14.32 -12.48
C ASP A 206 21.02 13.39 -13.29
N TYR A 207 20.99 13.61 -14.60
CA TYR A 207 20.19 12.80 -15.52
C TYR A 207 20.59 11.33 -15.56
N SER A 208 21.81 11.02 -15.15
CA SER A 208 22.23 9.62 -15.08
C SER A 208 22.00 8.99 -13.71
N ASN A 209 21.38 9.73 -12.78
CA ASN A 209 20.97 9.18 -11.50
C ASN A 209 19.50 8.74 -11.60
N GLU A 210 19.31 7.44 -11.44
CA GLU A 210 18.03 6.75 -11.54
C GLU A 210 16.97 7.32 -10.56
N GLU A 211 17.40 7.61 -9.33
CA GLU A 211 16.53 8.19 -8.34
C GLU A 211 16.08 9.59 -8.72
N HIS A 212 17.02 10.37 -9.25
CA HIS A 212 16.72 11.70 -9.80
C HIS A 212 15.67 11.59 -10.91
N MET A 213 15.84 10.62 -11.79
CA MET A 213 14.97 10.46 -12.96
C MET A 213 13.58 9.92 -12.60
N THR A 214 13.50 9.08 -11.57
CA THR A 214 12.22 8.58 -11.08
C THR A 214 11.39 9.74 -10.51
N LEU A 215 12.05 10.65 -9.81
CA LEU A 215 11.39 11.83 -9.26
C LEU A 215 11.00 12.81 -10.37
N LEU A 216 11.83 12.92 -11.40
CA LEU A 216 11.48 13.75 -12.54
C LEU A 216 10.23 13.22 -13.24
N LYS A 217 10.14 11.92 -13.41
CA LYS A 217 8.99 11.29 -14.08
C LYS A 217 7.70 11.45 -13.25
N MET A 218 7.81 11.30 -11.93
CA MET A 218 6.70 11.57 -11.03
C MET A 218 6.25 13.05 -11.14
N ILE A 219 7.19 13.99 -11.25
CA ILE A 219 6.83 15.40 -11.42
C ILE A 219 6.18 15.66 -12.79
N LEU A 220 6.66 14.99 -13.84
CA LEU A 220 6.04 15.16 -15.16
C LEU A 220 4.60 14.65 -15.20
N ILE A 221 4.35 13.47 -14.65
CA ILE A 221 2.99 12.93 -14.64
C ILE A 221 2.07 13.76 -13.73
N LYS A 222 2.61 14.25 -12.61
CA LYS A 222 1.88 15.20 -11.77
C LYS A 222 1.55 16.49 -12.51
N CYS A 223 2.53 17.08 -13.20
CA CYS A 223 2.31 18.25 -14.03
C CYS A 223 1.19 18.07 -15.02
N CYS A 224 1.26 16.97 -15.78
CA CYS A 224 0.24 16.68 -16.78
C CYS A 224 -1.15 16.45 -16.20
N ASP A 225 -1.21 15.82 -15.02
CA ASP A 225 -2.49 15.50 -14.37
C ASP A 225 -3.23 16.78 -13.99
N ILE A 226 -2.51 17.77 -13.47
CA ILE A 226 -3.15 18.98 -12.94
C ILE A 226 -3.00 20.19 -13.88
N SER A 227 -2.81 19.91 -15.17
CA SER A 227 -2.38 20.89 -16.17
C SER A 227 -3.50 21.63 -16.90
N ASN A 228 -4.76 21.40 -16.58
CA ASN A 228 -5.84 21.97 -17.37
C ASN A 228 -5.68 23.50 -17.56
N GLU A 229 -5.20 24.19 -16.54
CA GLU A 229 -5.08 25.66 -16.60
C GLU A 229 -3.92 26.17 -17.47
N VAL A 230 -3.04 25.26 -17.91
CA VAL A 230 -1.99 25.58 -18.87
C VAL A 230 -2.60 25.87 -20.26
N ARG A 231 -3.76 25.29 -20.52
CA ARG A 231 -4.43 25.37 -21.82
C ARG A 231 -5.14 26.69 -22.03
N PRO A 232 -5.44 27.01 -23.30
CA PRO A 232 -6.16 28.27 -23.59
C PRO A 232 -7.42 28.38 -22.74
N MET A 233 -7.77 29.59 -22.34
CA MET A 233 -8.84 29.83 -21.39
C MET A 233 -10.14 29.12 -21.78
N GLU A 234 -10.42 29.12 -23.08
CA GLU A 234 -11.65 28.54 -23.60
C GLU A 234 -11.65 27.01 -23.49
N VAL A 235 -10.47 26.41 -23.47
CA VAL A 235 -10.37 24.95 -23.26
C VAL A 235 -10.34 24.59 -21.75
N ALA A 236 -9.63 25.40 -20.97
CA ALA A 236 -9.45 25.17 -19.53
C ALA A 236 -10.76 25.28 -18.74
N GLU A 237 -11.54 26.30 -19.07
CA GLU A 237 -12.57 26.79 -18.19
C GLU A 237 -13.71 25.81 -17.92
N PRO A 238 -14.21 25.12 -18.96
CA PRO A 238 -15.24 24.11 -18.71
C PRO A 238 -14.80 22.99 -17.76
N TRP A 239 -13.50 22.70 -17.70
CA TRP A 239 -13.00 21.70 -16.76
C TRP A 239 -13.29 22.04 -15.29
N VAL A 240 -13.34 23.33 -14.97
CA VAL A 240 -13.52 23.75 -13.58
C VAL A 240 -14.94 23.47 -13.11
N ASP A 241 -15.89 23.75 -13.97
CA ASP A 241 -17.28 23.39 -13.75
C ASP A 241 -17.46 21.89 -13.55
N CYS A 242 -16.74 21.09 -14.33
CA CYS A 242 -16.77 19.63 -14.17
C CYS A 242 -16.24 19.16 -12.85
N LEU A 243 -15.13 19.75 -12.42
CA LEU A 243 -14.52 19.41 -11.15
C LEU A 243 -15.46 19.75 -9.98
N LEU A 244 -15.97 20.99 -9.97
CA LEU A 244 -16.91 21.43 -8.94
C LEU A 244 -18.21 20.60 -8.94
N GLU A 245 -18.66 20.17 -10.09
CA GLU A 245 -19.74 19.18 -10.17
C GLU A 245 -19.44 17.93 -9.31
N GLU A 246 -18.24 17.37 -9.43
CA GLU A 246 -17.86 16.19 -8.61
C GLU A 246 -17.72 16.55 -7.14
N TYR A 247 -17.00 17.62 -6.87
CA TYR A 247 -16.86 18.09 -5.49
C TYR A 247 -18.21 18.29 -4.79
N PHE A 248 -19.19 18.87 -5.50
CA PHE A 248 -20.44 19.21 -4.87
C PHE A 248 -21.32 17.97 -4.67
N MET A 249 -21.17 17.02 -5.59
CA MET A 249 -21.80 15.74 -5.43
C MET A 249 -21.24 15.01 -4.19
N GLN A 250 -19.93 14.96 -4.07
CA GLN A 250 -19.31 14.35 -2.90
C GLN A 250 -19.82 15.00 -1.61
N SER A 251 -19.66 16.31 -1.49
CA SER A 251 -20.01 17.01 -0.24
C SER A 251 -21.50 16.92 0.11
N ASP A 252 -22.36 16.87 -0.90
CA ASP A 252 -23.78 16.61 -0.69
C ASP A 252 -24.00 15.27 -0.03
N ARG A 253 -23.33 14.25 -0.59
CA ARG A 253 -23.37 12.88 -0.07
C ARG A 253 -22.82 12.83 1.35
N GLU A 254 -21.68 13.47 1.58
CA GLU A 254 -21.09 13.50 2.90
C GLU A 254 -22.06 14.11 3.92
N LYS A 255 -22.69 15.24 3.57
CA LYS A 255 -23.70 15.86 4.42
C LYS A 255 -24.83 14.87 4.75
N SER A 256 -25.46 14.30 3.74
CA SER A 256 -26.57 13.39 3.96
C SER A 256 -26.17 12.05 4.62
N GLU A 257 -24.89 11.66 4.55
CA GLU A 257 -24.40 10.46 5.25
C GLU A 257 -23.82 10.78 6.64
N GLY A 258 -23.81 12.06 7.03
CA GLY A 258 -23.25 12.47 8.32
C GLY A 258 -21.73 12.48 8.41
N LEU A 259 -21.05 12.65 7.27
CA LEU A 259 -19.58 12.63 7.24
C LEU A 259 -19.01 14.05 7.12
N PRO A 260 -17.72 14.23 7.47
CA PRO A 260 -17.09 15.55 7.33
C PRO A 260 -17.13 16.08 5.89
N VAL A 261 -17.37 17.39 5.75
CA VAL A 261 -17.38 18.07 4.46
C VAL A 261 -16.17 19.00 4.36
N ALA A 262 -15.38 18.84 3.31
CA ALA A 262 -14.25 19.73 3.06
C ALA A 262 -14.78 21.12 2.68
N PRO A 263 -14.18 22.20 3.24
CA PRO A 263 -14.60 23.57 2.91
C PRO A 263 -14.40 23.90 1.43
N PHE A 264 -13.42 23.25 0.79
CA PHE A 264 -13.17 23.45 -0.63
C PHE A 264 -14.14 22.68 -1.52
N MET A 265 -15.09 21.96 -0.92
CA MET A 265 -16.20 21.34 -1.66
C MET A 265 -17.55 21.88 -1.20
N ASP A 266 -17.52 22.97 -0.45
CA ASP A 266 -18.73 23.56 0.12
C ASP A 266 -19.41 24.50 -0.88
N ARG A 267 -20.61 24.11 -1.34
CA ARG A 267 -21.41 24.89 -2.29
C ARG A 267 -21.63 26.36 -1.92
N ASP A 268 -21.63 26.66 -0.63
CA ASP A 268 -21.89 28.03 -0.17
C ASP A 268 -20.63 28.87 -0.06
N LYS A 269 -19.46 28.21 -0.11
CA LYS A 269 -18.17 28.88 -0.01
C LYS A 269 -17.45 28.95 -1.36
N VAL A 270 -17.58 27.91 -2.19
CA VAL A 270 -16.69 27.73 -3.34
C VAL A 270 -17.26 28.30 -4.64
N THR A 271 -16.37 28.94 -5.41
CA THR A 271 -16.68 29.42 -6.74
C THR A 271 -15.53 28.96 -7.63
N LYS A 272 -15.65 29.15 -8.94
CA LYS A 272 -14.53 28.85 -9.84
C LYS A 272 -13.29 29.64 -9.44
N ALA A 273 -13.45 30.94 -9.18
CA ALA A 273 -12.32 31.80 -8.87
C ALA A 273 -11.65 31.35 -7.57
N THR A 274 -12.44 31.06 -6.54
CA THR A 274 -11.87 30.58 -5.27
C THR A 274 -11.19 29.21 -5.45
N ALA A 275 -11.76 28.33 -6.25
CA ALA A 275 -11.13 27.02 -6.53
C ALA A 275 -9.77 27.14 -7.25
N GLN A 276 -9.66 28.09 -8.18
CA GLN A 276 -8.49 28.16 -9.07
C GLN A 276 -7.39 29.10 -8.63
N ILE A 277 -7.74 30.19 -7.96
CA ILE A 277 -6.73 31.18 -7.57
C ILE A 277 -5.62 30.53 -6.72
N GLY A 278 -6.00 29.95 -5.59
CA GLY A 278 -5.05 29.32 -4.69
C GLY A 278 -4.34 28.16 -5.36
N PHE A 279 -5.07 27.39 -6.16
CA PHE A 279 -4.50 26.24 -6.85
C PHE A 279 -3.42 26.66 -7.85
N ILE A 280 -3.69 27.69 -8.64
CA ILE A 280 -2.70 28.19 -9.60
C ILE A 280 -1.50 28.80 -8.87
N LYS A 281 -1.77 29.61 -7.86
CA LYS A 281 -0.72 30.35 -7.16
C LYS A 281 0.20 29.45 -6.35
N PHE A 282 -0.38 28.49 -5.65
CA PHE A 282 0.35 27.76 -4.63
C PHE A 282 0.67 26.32 -4.96
N VAL A 283 0.06 25.79 -6.01
CA VAL A 283 0.34 24.43 -6.49
C VAL A 283 0.94 24.48 -7.90
N LEU A 284 0.23 25.06 -8.87
CA LEU A 284 0.66 24.99 -10.27
C LEU A 284 1.89 25.85 -10.59
N ILE A 285 1.84 27.14 -10.29
CA ILE A 285 2.95 28.01 -10.63
C ILE A 285 4.26 27.48 -10.00
N PRO A 286 4.29 27.24 -8.68
CA PRO A 286 5.53 26.76 -8.05
C PRO A 286 6.10 25.48 -8.66
N MET A 287 5.24 24.52 -8.99
CA MET A 287 5.70 23.28 -9.58
C MET A 287 6.32 23.52 -10.96
N PHE A 288 5.67 24.34 -11.77
CA PHE A 288 6.16 24.65 -13.11
C PHE A 288 7.41 25.53 -13.08
N GLU A 289 7.54 26.37 -12.06
CA GLU A 289 8.77 27.13 -11.82
C GLU A 289 9.95 26.17 -11.62
N THR A 290 9.76 25.13 -10.82
CA THR A 290 10.87 24.22 -10.55
C THR A 290 11.21 23.40 -11.81
N VAL A 291 10.20 22.94 -12.53
CA VAL A 291 10.43 22.24 -13.80
C VAL A 291 11.18 23.13 -14.82
N THR A 292 10.88 24.44 -14.78
CA THR A 292 11.49 25.39 -15.71
C THR A 292 13.00 25.51 -15.50
N LYS A 293 13.50 25.18 -14.31
CA LYS A 293 14.94 25.13 -14.07
C LYS A 293 15.64 24.07 -14.92
N LEU A 294 15.01 22.91 -15.09
CA LEU A 294 15.50 21.89 -16.02
C LEU A 294 15.16 22.21 -17.48
N PHE A 295 13.98 22.80 -17.72
CA PHE A 295 13.48 23.04 -19.08
C PHE A 295 13.01 24.49 -19.22
N PRO A 296 13.91 25.41 -19.57
CA PRO A 296 13.61 26.85 -19.65
C PRO A 296 12.45 27.22 -20.58
N MET A 297 12.24 26.41 -21.62
CA MET A 297 11.19 26.63 -22.58
C MET A 297 9.78 26.43 -22.01
N VAL A 298 9.69 25.81 -20.84
CA VAL A 298 8.41 25.65 -20.16
C VAL A 298 7.83 27.00 -19.69
N GLU A 299 8.67 28.01 -19.49
CA GLU A 299 8.20 29.29 -18.95
C GLU A 299 7.21 29.95 -19.89
N GLU A 300 7.62 30.08 -21.15
CA GLU A 300 6.81 30.73 -22.17
C GLU A 300 5.54 29.96 -22.51
N ILE A 301 5.63 28.64 -22.64
CA ILE A 301 4.53 27.81 -23.15
C ILE A 301 3.50 27.41 -22.08
N MET A 302 3.93 27.37 -20.81
CA MET A 302 3.08 26.87 -19.76
C MET A 302 2.91 27.78 -18.54
N LEU A 303 3.94 28.52 -18.18
CA LEU A 303 3.88 29.41 -17.05
C LEU A 303 3.14 30.70 -17.45
N GLN A 304 3.33 31.17 -18.69
CA GLN A 304 2.64 32.38 -19.16
C GLN A 304 1.08 32.28 -19.07
N PRO A 305 0.48 31.22 -19.66
CA PRO A 305 -0.96 31.01 -19.49
C PRO A 305 -1.42 30.92 -18.03
N LEU A 306 -0.60 30.33 -17.16
CA LEU A 306 -0.91 30.27 -15.74
C LEU A 306 -0.94 31.66 -15.08
N TRP A 307 -0.03 32.53 -15.49
CA TRP A 307 -0.01 33.89 -14.99
C TRP A 307 -1.25 34.64 -15.47
N GLU A 308 -1.64 34.37 -16.71
CA GLU A 308 -2.82 34.99 -17.31
C GLU A 308 -4.11 34.48 -16.68
N SER A 309 -4.13 33.18 -16.38
CA SER A 309 -5.28 32.57 -15.74
C SER A 309 -5.48 33.11 -14.32
N ARG A 310 -4.38 33.14 -13.57
CA ARG A 310 -4.35 33.70 -12.22
C ARG A 310 -4.97 35.10 -12.20
N ASP A 311 -4.50 35.97 -13.09
CA ASP A 311 -4.98 37.34 -13.13
C ASP A 311 -6.45 37.45 -13.51
N ARG A 312 -6.90 36.61 -14.45
CA ARG A 312 -8.30 36.59 -14.87
C ARG A 312 -9.20 36.17 -13.72
N TYR A 313 -8.85 35.09 -13.04
CA TYR A 313 -9.63 34.64 -11.88
C TYR A 313 -9.66 35.64 -10.72
N GLU A 314 -8.57 36.36 -10.50
CA GLU A 314 -8.58 37.43 -9.49
C GLU A 314 -9.52 38.55 -9.87
N GLU A 315 -9.61 38.86 -11.16
CA GLU A 315 -10.60 39.84 -11.66
C GLU A 315 -12.02 39.29 -11.44
N LEU A 316 -12.22 38.03 -11.81
CA LEU A 316 -13.53 37.37 -11.64
C LEU A 316 -13.99 37.39 -10.18
N LYS A 317 -13.11 36.98 -9.27
CA LYS A 317 -13.44 36.99 -7.86
C LYS A 317 -13.89 38.35 -7.38
N ARG A 318 -13.25 39.40 -7.87
CA ARG A 318 -13.57 40.77 -7.49
C ARG A 318 -15.02 41.12 -7.89
N ILE A 319 -15.47 40.60 -9.03
CA ILE A 319 -16.84 40.84 -9.49
C ILE A 319 -17.83 39.87 -8.79
N ASP A 320 -17.43 38.62 -8.58
CA ASP A 320 -18.24 37.67 -7.80
C ASP A 320 -18.55 38.19 -6.40
N ASP A 321 -17.52 38.76 -5.75
CA ASP A 321 -17.66 39.35 -4.40
C ASP A 321 -18.61 40.54 -4.41
N ALA A 322 -18.47 41.41 -5.41
CA ALA A 322 -19.35 42.58 -5.56
C ALA A 322 -20.80 42.14 -5.76
N MET A 323 -21.01 41.15 -6.62
CA MET A 323 -22.34 40.63 -6.87
C MET A 323 -22.99 40.16 -5.57
N LYS A 324 -22.21 39.53 -4.69
CA LYS A 324 -22.73 39.10 -3.39
C LYS A 324 -22.92 40.25 -2.38
N GLU A 325 -22.30 41.41 -2.62
CA GLU A 325 -22.61 42.64 -1.86
C GLU A 325 -24.04 43.14 -2.13
N LEU A 326 -24.74 42.47 -3.04
CA LEU A 326 -26.13 42.80 -3.36
C LEU A 326 -27.14 41.78 -2.77
N GLN A 327 -26.68 40.78 -2.02
CA GLN A 327 -27.50 39.59 -1.76
C GLN A 327 -27.81 39.15 -0.30
N LYS A 328 -28.37 40.04 0.53
CA LYS A 328 -28.94 39.60 1.83
C LYS A 328 -30.05 40.52 2.33
N GLY B 1 -6.62 -28.35 41.03
CA GLY B 1 -7.10 -29.10 42.23
C GLY B 1 -8.53 -28.77 42.59
N SER B 2 -9.39 -28.70 41.58
CA SER B 2 -10.81 -28.36 41.76
C SER B 2 -11.61 -29.57 42.30
N HIS B 3 -12.91 -29.35 42.59
CA HIS B 3 -13.74 -30.42 43.19
C HIS B 3 -14.50 -31.29 42.16
N MET B 4 -14.86 -30.69 41.01
CA MET B 4 -15.48 -31.43 39.89
C MET B 4 -14.74 -31.11 38.58
N THR B 5 -15.09 -31.82 37.52
CA THR B 5 -14.49 -31.61 36.20
C THR B 5 -15.30 -30.57 35.41
N TYR B 6 -14.59 -29.77 34.60
CA TYR B 6 -15.23 -28.71 33.83
C TYR B 6 -14.91 -28.82 32.33
N PRO B 7 -15.87 -28.51 31.45
CA PRO B 7 -15.61 -28.41 30.00
C PRO B 7 -14.28 -27.73 29.65
N LYS B 8 -13.54 -28.31 28.72
CA LYS B 8 -12.22 -27.81 28.31
C LYS B 8 -12.12 -26.28 28.13
N TYR B 9 -13.16 -25.70 27.55
CA TYR B 9 -13.20 -24.25 27.27
C TYR B 9 -13.43 -23.41 28.53
N LEU B 10 -13.64 -24.06 29.66
CA LEU B 10 -13.45 -23.40 30.96
C LEU B 10 -12.01 -23.63 31.40
N LEU B 11 -11.19 -22.60 31.26
CA LEU B 11 -9.77 -22.70 31.60
C LEU B 11 -9.58 -22.89 33.11
N SER B 12 -8.67 -23.77 33.50
CA SER B 12 -8.33 -23.92 34.90
C SER B 12 -7.47 -22.75 35.35
N PRO B 13 -7.49 -22.44 36.66
CA PRO B 13 -6.57 -21.46 37.26
C PRO B 13 -5.11 -21.69 36.88
N GLU B 14 -4.70 -22.95 36.79
CA GLU B 14 -3.32 -23.28 36.41
C GLU B 14 -2.99 -22.79 35.01
N THR B 15 -3.91 -23.01 34.07
CA THR B 15 -3.72 -22.61 32.68
C THR B 15 -3.62 -21.09 32.58
N ILE B 16 -4.57 -20.40 33.22
CA ILE B 16 -4.62 -18.93 33.31
C ILE B 16 -3.30 -18.31 33.78
N GLU B 17 -2.70 -18.90 34.81
CA GLU B 17 -1.38 -18.47 35.26
C GLU B 17 -0.28 -18.79 34.24
N ALA B 18 -0.28 -20.01 33.70
CA ALA B 18 0.77 -20.45 32.77
C ALA B 18 0.78 -19.61 31.49
N LEU B 19 -0.40 -19.13 31.13
CA LEU B 19 -0.63 -18.33 29.92
C LEU B 19 0.14 -17.01 29.89
N ARG B 20 0.62 -16.55 31.04
CA ARG B 20 1.36 -15.26 31.10
C ARG B 20 2.83 -15.38 30.78
N LYS B 21 3.30 -16.60 30.55
CA LYS B 21 4.72 -16.80 30.35
C LYS B 21 5.00 -17.44 29.01
N PRO B 22 6.20 -17.18 28.45
CA PRO B 22 6.63 -17.68 27.13
C PRO B 22 6.87 -19.19 27.07
N THR B 23 6.80 -19.86 28.21
CA THR B 23 6.92 -21.32 28.30
C THR B 23 5.60 -22.04 28.03
N PHE B 24 4.50 -21.30 27.90
CA PHE B 24 3.19 -21.89 27.65
C PHE B 24 3.25 -22.87 26.47
N ASP B 25 2.76 -24.09 26.67
CA ASP B 25 2.84 -25.12 25.64
C ASP B 25 1.63 -24.99 24.71
N VAL B 26 1.87 -24.34 23.57
CA VAL B 26 0.83 -24.03 22.61
C VAL B 26 0.21 -25.25 21.91
N TRP B 27 0.88 -26.41 21.98
CA TRP B 27 0.43 -27.63 21.32
C TRP B 27 -0.59 -28.45 22.12
N LEU B 28 -0.74 -28.15 23.39
CA LEU B 28 -1.66 -28.90 24.26
C LEU B 28 -3.14 -28.66 23.95
N TRP B 29 -3.46 -27.63 23.18
CA TRP B 29 -4.82 -27.07 23.16
C TRP B 29 -5.55 -27.18 21.83
N GLU B 30 -6.83 -27.56 21.90
CA GLU B 30 -7.69 -27.53 20.73
C GLU B 30 -8.12 -26.09 20.43
N PRO B 31 -8.60 -25.85 19.20
CA PRO B 31 -9.03 -24.51 18.83
C PRO B 31 -9.97 -23.81 19.84
N ASN B 32 -10.94 -24.54 20.38
CA ASN B 32 -11.90 -23.93 21.30
C ASN B 32 -11.23 -23.46 22.61
N GLU B 33 -10.21 -24.20 23.04
CA GLU B 33 -9.44 -23.83 24.23
C GLU B 33 -8.57 -22.60 23.97
N MET B 34 -7.92 -22.56 22.81
CA MET B 34 -7.13 -21.40 22.41
C MET B 34 -7.99 -20.13 22.30
N LEU B 35 -9.21 -20.29 21.79
CA LEU B 35 -10.15 -19.17 21.70
C LEU B 35 -10.50 -18.62 23.09
N SER B 36 -10.71 -19.52 24.04
CA SER B 36 -10.95 -19.14 25.44
C SER B 36 -9.78 -18.40 26.06
N CYS B 37 -8.56 -18.84 25.75
CA CYS B 37 -7.35 -18.13 26.15
C CYS B 37 -7.31 -16.71 25.62
N LEU B 38 -7.59 -16.53 24.34
CA LEU B 38 -7.53 -15.21 23.73
C LEU B 38 -8.56 -14.29 24.38
N GLU B 39 -9.75 -14.84 24.56
CA GLU B 39 -10.84 -14.15 25.26
C GLU B 39 -10.42 -13.68 26.65
N HIS B 40 -9.78 -14.56 27.40
CA HIS B 40 -9.30 -14.23 28.72
C HIS B 40 -8.30 -13.07 28.68
N MET B 41 -7.41 -13.07 27.68
CA MET B 41 -6.44 -11.99 27.54
C MET B 41 -7.11 -10.60 27.45
N TYR B 42 -8.19 -10.48 26.69
CA TYR B 42 -8.84 -9.18 26.51
C TYR B 42 -9.47 -8.69 27.81
N HIS B 43 -10.00 -9.63 28.61
CA HIS B 43 -10.61 -9.27 29.88
C HIS B 43 -9.53 -8.90 30.89
N ASP B 44 -8.54 -9.77 30.98
CA ASP B 44 -7.45 -9.63 31.94
C ASP B 44 -6.58 -8.36 31.72
N LEU B 45 -6.39 -7.98 30.45
CA LEU B 45 -5.66 -6.77 30.11
C LEU B 45 -6.49 -5.51 30.29
N GLY B 46 -7.75 -5.68 30.72
CA GLY B 46 -8.65 -4.55 30.94
C GLY B 46 -9.20 -3.93 29.67
N LEU B 47 -9.10 -4.65 28.57
CA LEU B 47 -9.50 -4.10 27.27
C LEU B 47 -11.02 -4.13 27.10
N VAL B 48 -11.64 -5.18 27.62
CA VAL B 48 -13.10 -5.25 27.63
C VAL B 48 -13.69 -4.08 28.40
N ARG B 49 -13.17 -3.88 29.61
CA ARG B 49 -13.55 -2.76 30.45
C ARG B 49 -13.33 -1.40 29.77
N ASP B 50 -12.11 -1.16 29.30
CA ASP B 50 -11.75 0.21 28.90
C ASP B 50 -12.30 0.57 27.53
N PHE B 51 -12.64 -0.42 26.71
CA PHE B 51 -13.22 -0.11 25.41
C PHE B 51 -14.68 -0.56 25.24
N SER B 52 -15.32 -0.89 26.35
CA SER B 52 -16.74 -1.27 26.39
C SER B 52 -17.04 -2.35 25.38
N ILE B 53 -16.17 -3.35 25.31
CA ILE B 53 -16.34 -4.42 24.34
C ILE B 53 -17.46 -5.33 24.84
N ASN B 54 -18.50 -5.54 24.02
CA ASN B 54 -19.51 -6.57 24.32
C ASN B 54 -18.81 -7.92 24.41
N PRO B 55 -18.88 -8.57 25.57
CA PRO B 55 -18.20 -9.85 25.72
C PRO B 55 -18.69 -10.94 24.75
N VAL B 56 -19.95 -10.89 24.31
CA VAL B 56 -20.46 -11.85 23.34
C VAL B 56 -19.88 -11.57 21.95
N THR B 57 -19.86 -10.30 21.57
CA THR B 57 -19.22 -9.90 20.33
C THR B 57 -17.75 -10.36 20.30
N LEU B 58 -17.02 -10.18 21.41
CA LEU B 58 -15.63 -10.63 21.52
C LEU B 58 -15.47 -12.09 21.14
N ARG B 59 -16.34 -12.95 21.66
CA ARG B 59 -16.35 -14.38 21.30
C ARG B 59 -16.67 -14.66 19.84
N ARG B 60 -17.69 -13.97 19.35
CA ARG B 60 -18.10 -14.12 17.95
C ARG B 60 -16.94 -13.69 17.07
N TRP B 61 -16.35 -12.56 17.42
CA TRP B 61 -15.22 -12.03 16.69
C TRP B 61 -14.07 -13.03 16.64
N LEU B 62 -13.68 -13.57 17.79
CA LEU B 62 -12.61 -14.57 17.85
C LEU B 62 -12.90 -15.83 17.00
N PHE B 63 -14.15 -16.27 16.99
CA PHE B 63 -14.55 -17.40 16.17
C PHE B 63 -14.48 -17.09 14.67
N CYS B 64 -14.86 -15.88 14.32
CA CYS B 64 -14.77 -15.46 12.94
C CYS B 64 -13.29 -15.28 12.50
N VAL B 65 -12.45 -14.79 13.40
CA VAL B 65 -11.01 -14.74 13.10
C VAL B 65 -10.48 -16.16 12.83
N HIS B 66 -10.77 -17.07 13.73
CA HIS B 66 -10.42 -18.47 13.55
C HIS B 66 -10.90 -19.05 12.20
N ASP B 67 -12.15 -18.79 11.83
CA ASP B 67 -12.70 -19.24 10.55
C ASP B 67 -11.92 -18.70 9.35
N ASN B 68 -11.33 -17.53 9.47
CA ASN B 68 -10.65 -16.89 8.36
C ASN B 68 -9.14 -17.15 8.31
N TYR B 69 -8.65 -17.99 9.21
CA TYR B 69 -7.31 -18.56 9.07
C TYR B 69 -7.44 -19.87 8.28
N ARG B 70 -6.52 -20.11 7.35
CA ARG B 70 -6.52 -21.34 6.58
C ARG B 70 -5.75 -22.45 7.26
N ASN B 71 -6.07 -23.68 6.87
CA ASN B 71 -5.41 -24.87 7.41
C ASN B 71 -4.07 -25.13 6.72
N ASN B 72 -3.18 -24.16 6.85
CA ASN B 72 -1.80 -24.27 6.40
C ASN B 72 -0.97 -25.00 7.44
N PRO B 73 0.13 -25.64 7.01
CA PRO B 73 1.04 -26.28 7.98
C PRO B 73 1.59 -25.32 9.03
N PHE B 74 1.89 -24.09 8.63
CA PHE B 74 2.47 -23.12 9.52
C PHE B 74 1.59 -21.90 9.76
N HIS B 75 1.14 -21.21 8.70
CA HIS B 75 0.39 -19.94 8.86
C HIS B 75 -1.09 -20.20 9.10
N ASN B 76 -1.37 -20.69 10.29
CA ASN B 76 -2.68 -21.20 10.67
C ASN B 76 -3.17 -20.54 11.96
N PHE B 77 -4.33 -20.96 12.46
CA PHE B 77 -4.86 -20.33 13.65
C PHE B 77 -3.93 -20.50 14.87
N ARG B 78 -3.24 -21.64 14.98
CA ARG B 78 -2.33 -21.86 16.09
C ARG B 78 -1.15 -20.85 16.10
N HIS B 79 -0.66 -20.49 14.92
CA HIS B 79 0.39 -19.53 14.80
C HIS B 79 -0.07 -18.16 15.34
N CYS B 80 -1.28 -17.76 14.94
CA CYS B 80 -1.80 -16.47 15.40
C CYS B 80 -1.94 -16.51 16.91
N PHE B 81 -2.32 -17.67 17.45
CA PHE B 81 -2.44 -17.84 18.90
C PHE B 81 -1.06 -17.69 19.58
N CYS B 82 -0.02 -18.32 19.02
CA CYS B 82 1.38 -18.14 19.48
C CYS B 82 1.84 -16.71 19.51
N VAL B 83 1.65 -16.01 18.42
CA VAL B 83 2.04 -14.60 18.34
C VAL B 83 1.29 -13.74 19.37
N ALA B 84 -0.02 -13.96 19.46
CA ALA B 84 -0.83 -13.24 20.44
C ALA B 84 -0.39 -13.60 21.85
N GLN B 85 -0.10 -14.87 22.09
CA GLN B 85 0.24 -15.32 23.42
C GLN B 85 1.62 -14.81 23.81
N MET B 86 2.54 -14.73 22.86
CA MET B 86 3.84 -14.13 23.13
C MET B 86 3.71 -12.62 23.43
N MET B 87 2.82 -11.93 22.72
CA MET B 87 2.55 -10.51 22.98
C MET B 87 2.02 -10.30 24.39
N TYR B 88 1.05 -11.11 24.79
CA TYR B 88 0.53 -11.14 26.16
C TYR B 88 1.67 -11.38 27.15
N SER B 89 2.51 -12.36 26.87
CA SER B 89 3.69 -12.61 27.73
C SER B 89 4.59 -11.38 27.86
N MET B 90 4.84 -10.70 26.75
CA MET B 90 5.71 -9.54 26.76
C MET B 90 5.11 -8.33 27.51
N VAL B 91 3.77 -8.18 27.46
CA VAL B 91 3.10 -7.18 28.29
C VAL B 91 3.47 -7.33 29.76
N TRP B 92 3.48 -8.54 30.29
CA TRP B 92 3.80 -8.77 31.71
C TRP B 92 5.29 -8.68 32.00
N LEU B 93 6.08 -9.35 31.16
CA LEU B 93 7.53 -9.39 31.32
C LEU B 93 8.13 -7.98 31.31
N CYS B 94 7.70 -7.19 30.33
CA CYS B 94 8.22 -5.84 30.13
C CYS B 94 7.36 -4.75 30.78
N SER B 95 6.35 -5.14 31.56
CA SER B 95 5.47 -4.16 32.23
C SER B 95 5.00 -3.10 31.25
N LEU B 96 4.50 -3.55 30.11
CA LEU B 96 4.17 -2.65 29.03
C LEU B 96 3.06 -1.66 29.42
N GLN B 97 2.25 -2.02 30.42
CA GLN B 97 1.13 -1.17 30.84
C GLN B 97 1.58 0.11 31.57
N GLU B 98 2.83 0.13 32.03
CA GLU B 98 3.46 1.36 32.51
C GLU B 98 3.82 2.32 31.37
N LYS B 99 4.26 1.77 30.24
CA LYS B 99 4.77 2.56 29.11
C LYS B 99 3.68 2.96 28.12
N PHE B 100 2.75 2.05 27.89
CA PHE B 100 1.80 2.15 26.80
C PHE B 100 0.39 2.43 27.31
N SER B 101 -0.34 3.21 26.54
CA SER B 101 -1.76 3.44 26.81
C SER B 101 -2.52 2.15 26.56
N GLN B 102 -3.73 2.09 27.08
CA GLN B 102 -4.62 0.98 26.79
C GLN B 102 -4.94 0.88 25.30
N THR B 103 -5.04 2.00 24.60
CA THR B 103 -5.27 1.97 23.15
C THR B 103 -4.12 1.23 22.45
N ASP B 104 -2.90 1.52 22.88
CA ASP B 104 -1.72 0.87 22.34
C ASP B 104 -1.69 -0.64 22.59
N ILE B 105 -2.07 -1.06 23.79
CA ILE B 105 -2.11 -2.48 24.12
C ILE B 105 -3.17 -3.15 23.24
N LEU B 106 -4.30 -2.47 23.04
CA LEU B 106 -5.36 -2.99 22.18
C LEU B 106 -4.86 -3.21 20.72
N ILE B 107 -4.15 -2.21 20.19
CA ILE B 107 -3.57 -2.28 18.86
C ILE B 107 -2.61 -3.47 18.77
N LEU B 108 -1.70 -3.58 19.73
CA LEU B 108 -0.72 -4.66 19.77
C LEU B 108 -1.38 -6.02 19.77
N MET B 109 -2.34 -6.20 20.68
CA MET B 109 -3.02 -7.49 20.80
C MET B 109 -3.83 -7.82 19.57
N THR B 110 -4.58 -6.84 19.07
CA THR B 110 -5.48 -7.10 17.95
C THR B 110 -4.71 -7.33 16.65
N ALA B 111 -3.62 -6.57 16.44
CA ALA B 111 -2.74 -6.79 15.27
C ALA B 111 -2.13 -8.17 15.31
N ALA B 112 -1.72 -8.62 16.50
CA ALA B 112 -1.11 -9.93 16.68
C ALA B 112 -2.07 -11.02 16.27
N ILE B 113 -3.33 -10.89 16.72
CA ILE B 113 -4.31 -11.91 16.37
C ILE B 113 -4.58 -11.94 14.84
N CYS B 114 -4.61 -10.78 14.23
CA CYS B 114 -5.06 -10.66 12.85
C CYS B 114 -3.95 -10.70 11.80
N HIS B 115 -2.69 -10.75 12.21
CA HIS B 115 -1.59 -10.41 11.31
C HIS B 115 -1.37 -11.37 10.12
N ASP B 116 -1.89 -12.59 10.16
CA ASP B 116 -1.68 -13.55 9.05
C ASP B 116 -3.01 -14.09 8.51
N LEU B 117 -4.07 -13.32 8.68
CA LEU B 117 -5.40 -13.75 8.28
C LEU B 117 -5.45 -14.19 6.79
N ASP B 118 -6.07 -15.35 6.57
CA ASP B 118 -6.29 -15.89 5.22
C ASP B 118 -4.98 -16.01 4.40
N HIS B 119 -3.89 -16.34 5.07
CA HIS B 119 -2.60 -16.61 4.41
C HIS B 119 -2.74 -17.81 3.48
N PRO B 120 -2.32 -17.68 2.20
CA PRO B 120 -2.46 -18.77 1.22
C PRO B 120 -1.42 -19.90 1.28
N GLY B 121 -0.40 -19.74 2.12
CA GLY B 121 0.66 -20.73 2.28
C GLY B 121 1.79 -20.59 1.28
N TYR B 122 1.78 -19.49 0.53
CA TYR B 122 2.85 -19.13 -0.40
C TYR B 122 3.21 -17.66 -0.20
N ASN B 123 4.51 -17.36 -0.19
CA ASN B 123 4.96 -16.02 0.22
C ASN B 123 4.82 -14.95 -0.87
N ASN B 124 5.20 -13.71 -0.53
CA ASN B 124 5.00 -12.56 -1.42
C ASN B 124 5.75 -12.74 -2.73
N THR B 125 6.89 -13.40 -2.65
CA THR B 125 7.71 -13.58 -3.83
C THR B 125 7.02 -14.48 -4.81
N TYR B 126 6.36 -15.52 -4.31
CA TYR B 126 5.50 -16.34 -5.15
C TYR B 126 4.36 -15.51 -5.76
N GLN B 127 3.62 -14.79 -4.92
CA GLN B 127 2.55 -13.91 -5.40
C GLN B 127 3.00 -13.02 -6.56
N ILE B 128 4.17 -12.40 -6.37
CA ILE B 128 4.70 -11.45 -7.34
C ILE B 128 5.19 -12.14 -8.60
N ASN B 129 5.99 -13.19 -8.43
CA ASN B 129 6.50 -13.94 -9.60
C ASN B 129 5.41 -14.63 -10.41
N ALA B 130 4.41 -15.19 -9.73
CA ALA B 130 3.28 -15.83 -10.38
C ALA B 130 2.24 -14.84 -10.88
N ARG B 131 2.40 -13.55 -10.53
CA ARG B 131 1.45 -12.50 -10.92
C ARG B 131 0.04 -12.88 -10.53
N THR B 132 -0.11 -13.26 -9.28
CA THR B 132 -1.38 -13.70 -8.74
C THR B 132 -2.34 -12.52 -8.61
N GLU B 133 -3.62 -12.84 -8.38
CA GLU B 133 -4.64 -11.82 -8.16
C GLU B 133 -4.30 -10.92 -6.99
N LEU B 134 -3.71 -11.48 -5.92
CA LEU B 134 -3.22 -10.66 -4.79
C LEU B 134 -2.13 -9.68 -5.22
N ALA B 135 -1.16 -10.16 -5.97
CA ALA B 135 -0.06 -9.30 -6.45
C ALA B 135 -0.55 -8.19 -7.36
N VAL B 136 -1.46 -8.54 -8.27
CA VAL B 136 -2.05 -7.57 -9.16
C VAL B 136 -2.90 -6.58 -8.38
N ARG B 137 -3.65 -7.06 -7.39
CA ARG B 137 -4.51 -6.20 -6.61
C ARG B 137 -3.71 -5.17 -5.81
N TYR B 138 -2.59 -5.62 -5.25
CA TYR B 138 -1.77 -4.79 -4.35
C TYR B 138 -0.55 -4.18 -5.02
N ASN B 139 -0.46 -4.32 -6.33
CA ASN B 139 0.58 -3.67 -7.09
C ASN B 139 2.01 -4.04 -6.63
N ASP B 140 2.19 -5.33 -6.30
CA ASP B 140 3.46 -5.88 -5.78
C ASP B 140 3.97 -5.33 -4.43
N ILE B 141 3.16 -4.54 -3.72
CA ILE B 141 3.55 -3.92 -2.45
C ILE B 141 2.94 -4.72 -1.32
N SER B 142 3.80 -5.42 -0.57
CA SER B 142 3.46 -6.35 0.50
C SER B 142 2.05 -6.95 0.35
N PRO B 143 1.85 -7.71 -0.73
CA PRO B 143 0.49 -8.18 -1.05
C PRO B 143 -0.17 -8.98 0.08
N LEU B 144 0.59 -9.90 0.70
CA LEU B 144 0.02 -10.73 1.77
C LEU B 144 -0.42 -9.89 2.96
N GLU B 145 0.46 -9.00 3.42
CA GLU B 145 0.20 -8.25 4.62
C GLU B 145 -0.94 -7.25 4.42
N ASN B 146 -1.01 -6.66 3.23
CA ASN B 146 -2.14 -5.79 2.90
C ASN B 146 -3.42 -6.60 2.97
N HIS B 147 -3.35 -7.84 2.50
CA HIS B 147 -4.51 -8.71 2.46
C HIS B 147 -4.93 -9.09 3.87
N HIS B 148 -3.96 -9.47 4.72
CA HIS B 148 -4.27 -9.84 6.10
C HIS B 148 -5.05 -8.69 6.76
N CYS B 149 -4.54 -7.48 6.59
CA CYS B 149 -5.11 -6.28 7.21
C CYS B 149 -6.49 -5.98 6.62
N ALA B 150 -6.67 -6.17 5.32
CA ALA B 150 -7.97 -5.97 4.68
C ALA B 150 -9.03 -6.95 5.24
N VAL B 151 -8.64 -8.21 5.39
CA VAL B 151 -9.52 -9.23 5.92
C VAL B 151 -9.86 -8.94 7.39
N ALA B 152 -8.89 -8.45 8.14
CA ALA B 152 -9.12 -8.04 9.54
C ALA B 152 -10.29 -7.04 9.63
N PHE B 153 -10.27 -6.05 8.74
CA PHE B 153 -11.27 -4.99 8.79
C PHE B 153 -12.55 -5.33 8.08
N GLN B 154 -12.50 -6.29 7.16
CA GLN B 154 -13.72 -6.89 6.60
C GLN B 154 -14.50 -7.61 7.70
N ILE B 155 -13.79 -8.33 8.57
CA ILE B 155 -14.44 -9.02 9.71
C ILE B 155 -15.04 -8.01 10.71
N LEU B 156 -14.25 -7.01 11.07
CA LEU B 156 -14.68 -5.96 12.00
C LEU B 156 -15.82 -5.07 11.50
N ALA B 157 -16.06 -5.02 10.19
CA ALA B 157 -17.16 -4.24 9.64
C ALA B 157 -18.48 -5.02 9.69
N GLU B 158 -18.45 -6.31 10.01
CA GLU B 158 -19.71 -7.04 10.27
C GLU B 158 -20.12 -6.70 11.69
N PRO B 159 -21.32 -6.13 11.87
CA PRO B 159 -21.77 -5.70 13.20
C PRO B 159 -21.65 -6.78 14.29
N GLU B 160 -21.89 -8.04 13.95
CA GLU B 160 -21.83 -9.12 14.94
C GLU B 160 -20.42 -9.44 15.40
N CYS B 161 -19.41 -9.04 14.61
CA CYS B 161 -18.01 -9.24 14.99
C CYS B 161 -17.28 -7.96 15.38
N ASN B 162 -17.96 -6.83 15.39
CA ASN B 162 -17.28 -5.55 15.61
C ASN B 162 -17.02 -5.27 17.10
N ILE B 163 -15.90 -5.80 17.59
CA ILE B 163 -15.48 -5.53 18.95
C ILE B 163 -15.19 -4.05 19.25
N PHE B 164 -15.14 -3.21 18.22
CA PHE B 164 -14.91 -1.79 18.39
C PHE B 164 -16.18 -0.94 18.27
N SER B 165 -17.36 -1.57 18.38
CA SER B 165 -18.63 -0.87 18.12
C SER B 165 -18.94 0.24 19.12
N ASN B 166 -18.42 0.12 20.34
CA ASN B 166 -18.65 1.11 21.38
C ASN B 166 -17.46 2.07 21.53
N ILE B 167 -16.57 2.11 20.54
CA ILE B 167 -15.44 3.02 20.58
C ILE B 167 -15.83 4.22 19.69
N PRO B 168 -15.66 5.46 20.18
CA PRO B 168 -15.95 6.61 19.31
C PRO B 168 -15.12 6.60 18.02
N PRO B 169 -15.60 7.29 16.98
CA PRO B 169 -14.90 7.26 15.68
C PRO B 169 -13.44 7.68 15.71
N ASP B 170 -13.10 8.70 16.50
CA ASP B 170 -11.71 9.14 16.60
C ASP B 170 -10.82 8.06 17.22
N GLY B 171 -11.35 7.31 18.19
CA GLY B 171 -10.69 6.14 18.73
C GLY B 171 -10.48 5.06 17.67
N PHE B 172 -11.54 4.76 16.93
CA PHE B 172 -11.48 3.77 15.86
C PHE B 172 -10.38 4.10 14.85
N LYS B 173 -10.33 5.35 14.38
CA LYS B 173 -9.29 5.78 13.45
C LYS B 173 -7.87 5.60 13.99
N GLN B 174 -7.66 5.95 15.24
CA GLN B 174 -6.37 5.76 15.88
C GLN B 174 -6.00 4.27 15.97
N ILE B 175 -6.96 3.43 16.34
CA ILE B 175 -6.74 1.99 16.46
C ILE B 175 -6.49 1.39 15.09
N ARG B 176 -7.29 1.81 14.12
CA ARG B 176 -7.16 1.29 12.76
C ARG B 176 -5.79 1.63 12.16
N GLN B 177 -5.39 2.89 12.25
CA GLN B 177 -4.10 3.31 11.71
C GLN B 177 -2.94 2.52 12.31
N GLY B 178 -3.02 2.26 13.62
CA GLY B 178 -1.98 1.54 14.32
C GLY B 178 -1.91 0.08 13.95
N MET B 179 -3.06 -0.57 13.82
CA MET B 179 -3.10 -1.97 13.43
C MET B 179 -2.53 -2.17 12.02
N ILE B 180 -2.89 -1.26 11.11
CA ILE B 180 -2.39 -1.28 9.75
C ILE B 180 -0.88 -1.17 9.77
N THR B 181 -0.34 -0.15 10.44
CA THR B 181 1.11 0.01 10.54
C THR B 181 1.77 -1.28 11.05
N LEU B 182 1.19 -1.90 12.07
CA LEU B 182 1.78 -3.09 12.69
C LEU B 182 1.74 -4.32 11.83
N ILE B 183 0.58 -4.59 11.22
CA ILE B 183 0.45 -5.74 10.36
C ILE B 183 1.37 -5.59 9.13
N LEU B 184 1.41 -4.39 8.56
CA LEU B 184 2.30 -4.17 7.42
C LEU B 184 3.76 -4.32 7.78
N ALA B 185 4.10 -4.06 9.05
CA ALA B 185 5.48 -4.19 9.56
C ALA B 185 5.95 -5.64 9.68
N THR B 186 5.06 -6.61 9.55
CA THR B 186 5.42 -8.02 9.67
C THR B 186 5.99 -8.64 8.37
N ASP B 187 5.96 -7.88 7.26
CA ASP B 187 6.58 -8.33 6.01
C ASP B 187 8.10 -8.35 6.17
N MET B 188 8.68 -9.54 6.11
CA MET B 188 10.11 -9.70 6.35
C MET B 188 10.99 -9.03 5.29
N ALA B 189 10.41 -8.69 4.14
CA ALA B 189 11.09 -7.83 3.15
C ALA B 189 11.56 -6.51 3.76
N ARG B 190 10.85 -6.04 4.78
CA ARG B 190 11.11 -4.75 5.41
C ARG B 190 11.94 -4.83 6.68
N HIS B 191 12.50 -6.02 6.97
CA HIS B 191 13.09 -6.26 8.25
C HIS B 191 14.25 -5.35 8.58
N ALA B 192 15.25 -5.30 7.68
CA ALA B 192 16.45 -4.47 7.90
C ALA B 192 16.12 -2.98 7.96
N GLU B 193 15.24 -2.50 7.07
CA GLU B 193 14.72 -1.10 7.11
C GLU B 193 14.14 -0.72 8.51
N ILE B 194 13.24 -1.55 9.01
CA ILE B 194 12.57 -1.28 10.29
C ILE B 194 13.57 -1.33 11.45
N MET B 195 14.46 -2.32 11.42
CA MET B 195 15.51 -2.45 12.43
C MET B 195 16.43 -1.25 12.43
N ASP B 196 16.88 -0.83 11.25
CA ASP B 196 17.67 0.38 11.12
C ASP B 196 16.98 1.62 11.70
N SER B 197 15.69 1.79 11.42
CA SER B 197 14.97 2.96 11.92
C SER B 197 14.90 2.89 13.43
N PHE B 198 14.66 1.70 13.95
CA PHE B 198 14.53 1.52 15.38
C PHE B 198 15.84 1.82 16.09
N LYS B 199 16.93 1.24 15.59
CA LYS B 199 18.28 1.45 16.15
C LYS B 199 18.66 2.93 16.17
N GLU B 200 18.21 3.65 15.17
CA GLU B 200 18.43 5.08 15.04
C GLU B 200 17.75 5.85 16.18
N LYS B 201 16.52 5.50 16.51
CA LYS B 201 15.80 6.09 17.64
C LYS B 201 16.43 5.69 18.97
N MET B 202 17.01 4.49 18.99
CA MET B 202 17.58 3.88 20.19
C MET B 202 18.79 4.65 20.69
N GLU B 203 19.47 5.34 19.78
CA GLU B 203 20.56 6.24 20.14
C GLU B 203 20.16 7.22 21.25
N ASN B 204 18.85 7.47 21.39
CA ASN B 204 18.35 8.38 22.42
C ASN B 204 16.82 8.24 22.54
N PHE B 205 16.38 7.06 22.98
CA PHE B 205 14.94 6.74 22.99
C PHE B 205 14.14 7.66 23.91
N ASP B 206 12.89 7.90 23.53
CA ASP B 206 12.00 8.85 24.14
C ASP B 206 10.61 8.24 24.10
N TYR B 207 10.13 7.80 25.27
CA TYR B 207 8.80 7.19 25.42
C TYR B 207 7.66 8.18 25.18
N SER B 208 7.95 9.48 25.19
CA SER B 208 6.94 10.50 24.93
C SER B 208 6.91 10.93 23.46
N ASN B 209 7.84 10.42 22.66
CA ASN B 209 7.91 10.71 21.24
C ASN B 209 7.16 9.62 20.45
N GLU B 210 6.06 10.03 19.82
CA GLU B 210 5.09 9.14 19.17
C GLU B 210 5.70 8.28 18.04
N GLU B 211 6.69 8.85 17.34
CA GLU B 211 7.42 8.14 16.27
C GLU B 211 8.30 7.02 16.84
N HIS B 212 8.93 7.29 17.98
CA HIS B 212 9.70 6.31 18.73
C HIS B 212 8.81 5.13 19.15
N MET B 213 7.66 5.46 19.73
CA MET B 213 6.71 4.46 20.23
C MET B 213 6.09 3.62 19.12
N THR B 214 5.86 4.23 17.96
CA THR B 214 5.38 3.50 16.80
C THR B 214 6.41 2.45 16.37
N LEU B 215 7.67 2.84 16.30
CA LEU B 215 8.74 1.91 15.94
C LEU B 215 8.91 0.82 16.98
N LEU B 216 8.83 1.17 18.27
CA LEU B 216 8.85 0.15 19.33
C LEU B 216 7.75 -0.92 19.13
N LYS B 217 6.53 -0.45 18.88
CA LYS B 217 5.41 -1.35 18.66
C LYS B 217 5.61 -2.22 17.44
N MET B 218 6.19 -1.65 16.39
CA MET B 218 6.55 -2.43 15.20
C MET B 218 7.57 -3.51 15.56
N ILE B 219 8.57 -3.17 16.35
CA ILE B 219 9.57 -4.15 16.77
C ILE B 219 8.91 -5.23 17.64
N LEU B 220 8.00 -4.80 18.51
CA LEU B 220 7.31 -5.75 19.38
C LEU B 220 6.50 -6.78 18.60
N ILE B 221 5.74 -6.34 17.60
CA ILE B 221 4.94 -7.30 16.84
C ILE B 221 5.86 -8.20 16.02
N LYS B 222 6.94 -7.64 15.51
CA LYS B 222 7.88 -8.43 14.74
C LYS B 222 8.50 -9.51 15.61
N CYS B 223 8.93 -9.13 16.82
CA CYS B 223 9.46 -10.08 17.80
C CYS B 223 8.52 -11.23 18.02
N CYS B 224 7.28 -10.91 18.34
CA CYS B 224 6.29 -11.95 18.64
C CYS B 224 5.98 -12.87 17.47
N ASP B 225 6.01 -12.30 16.26
CA ASP B 225 5.68 -13.05 15.05
C ASP B 225 6.72 -14.15 14.77
N ILE B 226 7.99 -13.84 14.99
CA ILE B 226 9.06 -14.77 14.69
C ILE B 226 9.66 -15.38 15.97
N SER B 227 8.85 -15.41 17.04
CA SER B 227 9.33 -15.75 18.39
C SER B 227 9.37 -17.26 18.71
N ASN B 228 9.00 -18.11 17.78
CA ASN B 228 8.95 -19.56 18.05
C ASN B 228 10.18 -20.12 18.73
N GLU B 229 11.37 -19.71 18.32
CA GLU B 229 12.63 -20.20 18.91
C GLU B 229 12.93 -19.71 20.35
N VAL B 230 12.17 -18.72 20.84
CA VAL B 230 12.25 -18.29 22.24
C VAL B 230 11.56 -19.32 23.14
N ARG B 231 10.65 -20.11 22.59
CA ARG B 231 9.90 -21.10 23.37
C ARG B 231 10.75 -22.33 23.72
N PRO B 232 10.37 -23.07 24.78
CA PRO B 232 11.13 -24.29 25.12
C PRO B 232 11.31 -25.20 23.91
N MET B 233 12.41 -25.93 23.90
CA MET B 233 12.85 -26.66 22.71
C MET B 233 11.75 -27.57 22.18
N GLU B 234 11.09 -28.25 23.10
CA GLU B 234 10.04 -29.19 22.76
C GLU B 234 8.81 -28.50 22.15
N VAL B 235 8.52 -27.27 22.59
CA VAL B 235 7.45 -26.47 22.01
C VAL B 235 7.90 -25.88 20.67
N ALA B 236 9.15 -25.40 20.60
CA ALA B 236 9.64 -24.71 19.41
C ALA B 236 9.85 -25.64 18.21
N GLU B 237 10.38 -26.82 18.47
CA GLU B 237 10.93 -27.65 17.40
C GLU B 237 9.92 -28.08 16.32
N PRO B 238 8.71 -28.54 16.71
CA PRO B 238 7.73 -28.94 15.68
C PRO B 238 7.28 -27.81 14.73
N TRP B 239 7.43 -26.55 15.13
CA TRP B 239 7.16 -25.42 14.24
C TRP B 239 8.14 -25.31 13.07
N VAL B 240 9.39 -25.73 13.25
CA VAL B 240 10.35 -25.75 12.13
C VAL B 240 9.88 -26.70 11.03
N ASP B 241 9.42 -27.88 11.43
CA ASP B 241 8.81 -28.85 10.49
C ASP B 241 7.63 -28.26 9.75
N CYS B 242 6.76 -27.55 10.46
CA CYS B 242 5.60 -26.92 9.83
C CYS B 242 6.01 -25.91 8.76
N LEU B 243 6.96 -25.05 9.09
CA LEU B 243 7.46 -24.03 8.17
C LEU B 243 8.08 -24.60 6.88
N LEU B 244 8.99 -25.57 7.04
CA LEU B 244 9.64 -26.19 5.90
C LEU B 244 8.59 -26.85 5.02
N GLU B 245 7.59 -27.46 5.64
CA GLU B 245 6.47 -28.01 4.91
C GLU B 245 5.87 -26.97 3.94
N GLU B 246 5.56 -25.76 4.42
CA GLU B 246 5.09 -24.68 3.51
C GLU B 246 6.11 -24.23 2.48
N TYR B 247 7.37 -24.11 2.91
CA TYR B 247 8.47 -23.70 2.03
C TYR B 247 8.70 -24.70 0.90
N PHE B 248 8.72 -25.99 1.23
CA PHE B 248 8.93 -27.05 0.23
C PHE B 248 7.75 -27.17 -0.73
N MET B 249 6.55 -26.97 -0.21
CA MET B 249 5.36 -26.91 -1.03
C MET B 249 5.47 -25.80 -2.08
N GLN B 250 5.90 -24.62 -1.64
CA GLN B 250 6.12 -23.50 -2.54
C GLN B 250 7.21 -23.78 -3.58
N SER B 251 8.38 -24.24 -3.14
CA SER B 251 9.48 -24.48 -4.08
C SER B 251 9.16 -25.60 -5.06
N ASP B 252 8.45 -26.64 -4.60
CA ASP B 252 7.90 -27.66 -5.50
C ASP B 252 7.01 -27.05 -6.58
N ARG B 253 6.11 -26.15 -6.19
CA ARG B 253 5.21 -25.51 -7.13
C ARG B 253 5.97 -24.63 -8.13
N GLU B 254 6.90 -23.83 -7.62
CA GLU B 254 7.72 -22.95 -8.47
C GLU B 254 8.56 -23.77 -9.47
N LYS B 255 9.11 -24.90 -9.04
CA LYS B 255 9.87 -25.77 -9.95
C LYS B 255 8.97 -26.30 -11.04
N SER B 256 7.77 -26.74 -10.66
CA SER B 256 6.78 -27.18 -11.63
C SER B 256 6.30 -26.08 -12.60
N GLU B 257 6.02 -24.89 -12.08
CA GLU B 257 5.50 -23.80 -12.91
C GLU B 257 6.60 -23.05 -13.68
N GLY B 258 7.85 -23.45 -13.49
CA GLY B 258 8.99 -22.80 -14.15
C GLY B 258 9.34 -21.43 -13.56
N LEU B 259 9.03 -21.23 -12.29
CA LEU B 259 9.31 -19.95 -11.63
C LEU B 259 10.60 -20.07 -10.80
N PRO B 260 11.23 -18.92 -10.47
CA PRO B 260 12.44 -18.97 -9.65
C PRO B 260 12.22 -19.68 -8.31
N VAL B 261 13.24 -20.39 -7.84
CA VAL B 261 13.23 -21.05 -6.54
C VAL B 261 14.28 -20.38 -5.65
N ALA B 262 13.89 -20.06 -4.41
CA ALA B 262 14.79 -19.53 -3.40
C ALA B 262 15.54 -20.70 -2.75
N PRO B 263 16.89 -20.62 -2.69
CA PRO B 263 17.65 -21.72 -2.05
C PRO B 263 17.20 -22.08 -0.64
N PHE B 264 16.81 -21.07 0.16
CA PHE B 264 16.37 -21.34 1.54
C PHE B 264 15.06 -22.13 1.63
N MET B 265 14.37 -22.31 0.50
CA MET B 265 13.14 -23.10 0.45
C MET B 265 13.32 -24.40 -0.32
N ASP B 266 14.53 -24.65 -0.80
CA ASP B 266 14.81 -25.77 -1.69
C ASP B 266 15.02 -27.07 -0.91
N ARG B 267 14.14 -28.04 -1.11
CA ARG B 267 14.18 -29.26 -0.30
C ARG B 267 15.45 -30.07 -0.55
N ASP B 268 16.12 -29.83 -1.67
CA ASP B 268 17.43 -30.44 -1.94
C ASP B 268 18.56 -29.82 -1.11
N LYS B 269 18.36 -28.61 -0.59
CA LYS B 269 19.42 -27.85 0.10
C LYS B 269 19.19 -27.59 1.60
N VAL B 270 17.97 -27.78 2.08
CA VAL B 270 17.60 -27.31 3.42
C VAL B 270 17.49 -28.42 4.48
N THR B 271 18.00 -28.11 5.67
CA THR B 271 17.75 -28.87 6.89
C THR B 271 17.11 -27.99 7.98
N LYS B 272 16.47 -28.66 8.94
CA LYS B 272 16.06 -28.05 10.21
C LYS B 272 17.17 -27.17 10.82
N ALA B 273 18.38 -27.73 10.95
CA ALA B 273 19.53 -27.01 11.49
C ALA B 273 19.95 -25.84 10.62
N THR B 274 20.08 -26.11 9.32
CA THR B 274 20.41 -25.10 8.32
C THR B 274 19.42 -23.94 8.31
N ALA B 275 18.13 -24.29 8.31
CA ALA B 275 17.04 -23.33 8.34
C ALA B 275 17.21 -22.38 9.52
N GLN B 276 17.55 -22.93 10.69
CA GLN B 276 17.42 -22.16 11.92
C GLN B 276 18.69 -21.44 12.35
N ILE B 277 19.86 -22.00 12.07
CA ILE B 277 21.09 -21.42 12.61
C ILE B 277 21.26 -19.96 12.22
N GLY B 278 21.21 -19.69 10.93
CA GLY B 278 21.41 -18.34 10.41
C GLY B 278 20.33 -17.39 10.83
N PHE B 279 19.09 -17.88 10.81
CA PHE B 279 17.94 -17.10 11.23
C PHE B 279 18.07 -16.70 12.70
N ILE B 280 18.46 -17.65 13.55
CA ILE B 280 18.64 -17.33 14.98
C ILE B 280 19.78 -16.31 15.17
N LYS B 281 20.94 -16.61 14.60
CA LYS B 281 22.13 -15.81 14.81
C LYS B 281 22.05 -14.38 14.26
N PHE B 282 21.51 -14.27 13.06
CA PHE B 282 21.61 -13.04 12.29
C PHE B 282 20.31 -12.28 12.17
N VAL B 283 19.16 -12.90 12.50
CA VAL B 283 17.90 -12.17 12.54
C VAL B 283 17.36 -12.07 13.96
N LEU B 284 17.13 -13.21 14.62
CA LEU B 284 16.50 -13.22 15.96
C LEU B 284 17.34 -12.61 17.06
N ILE B 285 18.55 -13.11 17.24
CA ILE B 285 19.37 -12.64 18.35
C ILE B 285 19.57 -11.12 18.29
N PRO B 286 20.00 -10.58 17.14
CA PRO B 286 20.22 -9.14 17.06
C PRO B 286 18.97 -8.28 17.37
N MET B 287 17.80 -8.72 16.89
CA MET B 287 16.56 -8.02 17.14
C MET B 287 16.21 -8.00 18.64
N PHE B 288 16.30 -9.17 19.30
CA PHE B 288 16.04 -9.25 20.73
C PHE B 288 17.10 -8.56 21.58
N GLU B 289 18.31 -8.46 21.05
CA GLU B 289 19.35 -7.65 21.70
C GLU B 289 18.99 -6.16 21.77
N THR B 290 18.39 -5.62 20.69
CA THR B 290 18.04 -4.21 20.65
C THR B 290 16.92 -3.95 21.66
N VAL B 291 15.96 -4.87 21.72
CA VAL B 291 14.86 -4.78 22.67
C VAL B 291 15.35 -4.81 24.13
N THR B 292 16.38 -5.61 24.39
CA THR B 292 16.92 -5.78 25.74
C THR B 292 17.46 -4.48 26.32
N LYS B 293 17.89 -3.57 25.46
CA LYS B 293 18.37 -2.25 25.91
C LYS B 293 17.27 -1.45 26.63
N LEU B 294 16.03 -1.58 26.17
CA LEU B 294 14.88 -0.96 26.83
C LEU B 294 14.31 -1.81 27.95
N PHE B 295 14.36 -3.12 27.77
CA PHE B 295 13.74 -4.11 28.66
C PHE B 295 14.75 -5.20 29.01
N PRO B 296 15.67 -4.90 29.95
CA PRO B 296 16.80 -5.79 30.23
C PRO B 296 16.39 -7.16 30.76
N MET B 297 15.15 -7.25 31.26
CA MET B 297 14.56 -8.53 31.66
C MET B 297 14.38 -9.48 30.47
N VAL B 298 14.40 -8.96 29.25
CA VAL B 298 14.32 -9.80 28.04
C VAL B 298 15.52 -10.75 27.84
N GLU B 299 16.69 -10.37 28.36
CA GLU B 299 17.89 -11.19 28.18
C GLU B 299 17.72 -12.58 28.78
N GLU B 300 17.28 -12.62 30.04
CA GLU B 300 17.16 -13.89 30.78
C GLU B 300 16.05 -14.78 30.21
N ILE B 301 14.93 -14.15 29.88
CA ILE B 301 13.72 -14.87 29.52
C ILE B 301 13.69 -15.20 28.03
N MET B 302 14.25 -14.37 27.18
CA MET B 302 14.14 -14.62 25.74
C MET B 302 15.46 -14.80 24.97
N LEU B 303 16.52 -14.11 25.35
CA LEU B 303 17.82 -14.33 24.70
C LEU B 303 18.45 -15.66 25.11
N GLN B 304 18.41 -16.01 26.39
CA GLN B 304 18.98 -17.27 26.90
C GLN B 304 18.44 -18.51 26.12
N PRO B 305 17.11 -18.65 25.96
CA PRO B 305 16.59 -19.71 25.09
C PRO B 305 17.09 -19.68 23.63
N LEU B 306 17.25 -18.48 23.07
CA LEU B 306 17.79 -18.35 21.73
C LEU B 306 19.24 -18.79 21.63
N TRP B 307 20.05 -18.49 22.65
CA TRP B 307 21.43 -18.94 22.69
C TRP B 307 21.50 -20.46 22.74
N GLU B 308 20.59 -21.05 23.52
CA GLU B 308 20.52 -22.51 23.68
C GLU B 308 20.10 -23.20 22.39
N SER B 309 19.14 -22.60 21.69
CA SER B 309 18.67 -23.15 20.42
C SER B 309 19.76 -23.02 19.37
N ARG B 310 20.41 -21.86 19.32
CA ARG B 310 21.55 -21.66 18.44
C ARG B 310 22.57 -22.78 18.64
N ASP B 311 23.02 -22.94 19.88
CA ASP B 311 24.02 -23.93 20.21
C ASP B 311 23.58 -25.36 19.87
N ARG B 312 22.33 -25.69 20.19
CA ARG B 312 21.79 -27.01 19.89
C ARG B 312 21.77 -27.27 18.37
N TYR B 313 21.34 -26.28 17.60
CA TYR B 313 21.30 -26.43 16.13
C TYR B 313 22.67 -26.48 15.48
N GLU B 314 23.64 -25.73 16.03
CA GLU B 314 25.02 -25.81 15.57
C GLU B 314 25.61 -27.20 15.82
N GLU B 315 25.23 -27.84 16.93
CA GLU B 315 25.64 -29.22 17.21
C GLU B 315 24.96 -30.23 16.27
N LEU B 316 23.64 -30.11 16.09
CA LEU B 316 22.91 -30.94 15.12
C LEU B 316 23.55 -30.90 13.71
N LYS B 317 23.93 -29.70 13.27
CA LYS B 317 24.56 -29.53 11.96
C LYS B 317 25.92 -30.17 11.88
N ARG B 318 26.72 -29.95 12.91
CA ARG B 318 28.05 -30.55 13.02
C ARG B 318 27.96 -32.08 12.91
N ILE B 319 26.91 -32.64 13.52
CA ILE B 319 26.62 -34.07 13.46
C ILE B 319 26.12 -34.49 12.07
N ASP B 320 25.22 -33.70 11.50
CA ASP B 320 24.75 -33.93 10.11
C ASP B 320 25.91 -33.93 9.12
N ASP B 321 26.82 -32.96 9.26
CA ASP B 321 28.01 -32.87 8.41
C ASP B 321 28.98 -34.06 8.59
N ALA B 322 29.12 -34.55 9.82
CA ALA B 322 29.97 -35.73 10.07
C ALA B 322 29.37 -36.97 9.43
N MET B 323 28.04 -37.06 9.42
CA MET B 323 27.35 -38.14 8.71
C MET B 323 27.57 -38.08 7.19
N LYS B 324 27.39 -36.89 6.61
CA LYS B 324 27.58 -36.68 5.18
C LYS B 324 29.01 -36.99 4.76
N GLU B 325 29.98 -36.47 5.51
CA GLU B 325 31.38 -36.72 5.23
C GLU B 325 31.69 -38.21 5.31
N LEU B 326 31.04 -38.91 6.23
CA LEU B 326 31.25 -40.36 6.40
C LEU B 326 30.80 -41.11 5.14
N GLN B 327 29.65 -40.70 4.59
CA GLN B 327 29.09 -41.30 3.37
C GLN B 327 29.78 -40.83 2.09
N LYS B 328 29.90 -39.52 1.94
CA LYS B 328 30.47 -38.91 0.72
C LYS B 328 32.00 -39.00 0.76
MN MN C . -6.27 12.58 -13.06
MG MG D . -6.33 10.42 -9.61
MN MN E . -17.24 3.04 -18.83
P 5GP F . -6.56 13.04 -10.27
O1P 5GP F . -7.56 12.36 -9.30
O2P 5GP F . -5.54 12.11 -10.90
O3P 5GP F . -7.20 13.96 -11.31
O5' 5GP F . -5.72 13.96 -9.21
C5' 5GP F . -5.46 15.34 -9.37
C4' 5GP F . -6.41 16.18 -8.51
O4' 5GP F . -5.98 17.54 -8.50
C3' 5GP F . -7.85 16.21 -9.00
O3' 5GP F . -8.63 15.10 -8.59
C2' 5GP F . -8.35 17.50 -8.41
O2' 5GP F . -8.83 17.24 -7.09
C1' 5GP F . -7.12 18.39 -8.38
N9 5GP F . -7.15 19.32 -9.53
C8 5GP F . -6.85 19.04 -10.80
N7 5GP F . -7.02 20.14 -11.58
C5 5GP F . -7.45 21.14 -10.81
C6 5GP F . -7.82 22.47 -11.00
O6 5GP F . -7.76 22.97 -12.13
N1 5GP F . -8.24 23.18 -9.93
C2 5GP F . -8.31 22.63 -8.68
N2 5GP F . -8.72 23.36 -7.64
N3 5GP F . -7.97 21.36 -8.44
C4 5GP F . -7.55 20.58 -9.45
MN MN G . 3.02 -14.63 11.30
MG MG H . 2.77 -12.79 7.76
MN MN I . -10.75 -21.85 7.86
N9 IBM J . 14.13 -19.13 7.98
C8 IBM J . 14.11 -19.98 9.03
N7 IBM J . 13.12 -19.65 9.87
C5 IBM J . 12.48 -18.58 9.36
C4 IBM J . 13.12 -18.25 8.17
N3 IBM J . 12.76 -17.21 7.38
C2 IBM J . 11.69 -16.47 7.77
N1 IBM J . 11.00 -16.77 9.00
C6 IBM J . 11.41 -17.81 9.77
O6 IBM J . 10.87 -18.12 10.84
O2 IBM J . 11.28 -15.48 7.10
C10 IBM J . 9.86 -15.92 9.38
C11 IBM J . 13.50 -17.02 6.12
C12 IBM J . 13.91 -15.60 5.74
C13 IBM J . 14.76 -15.63 4.49
C14 IBM J . 14.68 -14.92 6.89
C FMT K . 5.70 -16.03 10.27
O1 FMT K . 4.49 -15.66 10.16
O2 FMT K . 6.37 -16.06 11.36
#